data_1NY4
#
_entry.id   1NY4
#
_cell.length_a   1.000
_cell.length_b   1.000
_cell.length_c   1.000
_cell.angle_alpha   90.00
_cell.angle_beta   90.00
_cell.angle_gamma   90.00
#
_symmetry.space_group_name_H-M   'P 1'
#
_entity_poly.entity_id   1
_entity_poly.type   'polypeptide(L)'
_entity_poly.pdbx_seq_one_letter_code
;MAEDEGYPAEVIEIIGRTGTTGDVTQVKVRILEGRDKGRVIRRNVRGPVRVGDILILRETEREAREIKSRRAAALEHHHH
HH
;
_entity_poly.pdbx_strand_id   A
#
# COMPACT_ATOMS: atom_id res chain seq x y z
N MET A 1 -2.95 13.43 -16.66
CA MET A 1 -2.12 13.89 -17.77
C MET A 1 -1.51 12.71 -18.52
N ALA A 2 -2.35 11.73 -18.81
CA ALA A 2 -1.92 10.55 -19.53
C ALA A 2 -1.23 9.59 -18.55
N GLU A 3 -0.20 10.11 -17.88
CA GLU A 3 0.53 9.32 -16.92
C GLU A 3 -0.41 8.38 -16.15
N ASP A 4 -0.18 7.08 -16.35
CA ASP A 4 -0.99 6.07 -15.70
C ASP A 4 -0.15 4.81 -15.49
N GLU A 5 1.15 5.00 -15.50
CA GLU A 5 2.07 3.89 -15.32
C GLU A 5 2.31 3.65 -13.82
N GLY A 6 1.51 4.32 -13.01
CA GLY A 6 1.62 4.19 -11.57
C GLY A 6 0.44 4.86 -10.86
N TYR A 7 -0.24 4.09 -10.03
CA TYR A 7 -1.38 4.60 -9.29
C TYR A 7 -1.00 4.92 -7.85
N PRO A 8 -1.12 6.23 -7.50
CA PRO A 8 -0.80 6.68 -6.16
C PRO A 8 -1.89 6.28 -5.16
N ALA A 9 -1.47 6.07 -3.93
CA ALA A 9 -2.39 5.68 -2.88
C ALA A 9 -2.19 6.59 -1.66
N GLU A 10 -3.30 7.08 -1.14
CA GLU A 10 -3.27 7.96 0.01
C GLU A 10 -3.65 7.20 1.29
N VAL A 11 -2.88 7.41 2.33
CA VAL A 11 -3.14 6.75 3.60
C VAL A 11 -4.53 7.13 4.10
N ILE A 12 -5.31 6.11 4.41
CA ILE A 12 -6.66 6.31 4.90
C ILE A 12 -6.69 6.15 6.41
N GLU A 13 -5.90 5.18 6.88
CA GLU A 13 -5.82 4.92 8.31
C GLU A 13 -4.58 4.09 8.63
N ILE A 14 -3.98 4.40 9.77
CA ILE A 14 -2.78 3.69 10.19
C ILE A 14 -3.18 2.53 11.10
N ILE A 15 -2.52 1.40 10.90
CA ILE A 15 -2.78 0.21 11.68
C ILE A 15 -2.00 0.28 12.99
N GLY A 16 -0.69 0.30 12.85
CA GLY A 16 0.18 0.36 14.01
C GLY A 16 1.62 -0.03 13.65
N ARG A 17 2.25 -0.77 14.56
CA ARG A 17 3.61 -1.22 14.34
C ARG A 17 3.62 -2.65 13.83
N THR A 18 4.81 -3.11 13.44
CA THR A 18 4.97 -4.45 12.93
C THR A 18 6.21 -5.12 13.55
N GLY A 19 7.30 -4.36 13.55
CA GLY A 19 8.54 -4.86 14.11
C GLY A 19 8.95 -6.18 13.45
N THR A 20 9.57 -7.03 14.25
CA THR A 20 10.01 -8.34 13.77
C THR A 20 11.07 -8.16 12.69
N THR A 21 10.61 -7.79 11.50
CA THR A 21 11.51 -7.60 10.38
C THR A 21 12.53 -6.50 10.70
N GLY A 22 12.06 -5.47 11.38
CA GLY A 22 12.91 -4.36 11.75
C GLY A 22 12.09 -3.09 11.97
N ASP A 23 11.42 -3.04 13.12
CA ASP A 23 10.60 -1.89 13.47
C ASP A 23 9.78 -1.47 12.24
N VAL A 24 9.08 -2.45 11.67
CA VAL A 24 8.27 -2.19 10.51
C VAL A 24 6.98 -1.48 10.93
N THR A 25 6.37 -0.80 9.98
CA THR A 25 5.14 -0.08 10.25
C THR A 25 4.12 -0.30 9.12
N GLN A 26 3.05 -0.98 9.47
CA GLN A 26 2.00 -1.27 8.49
C GLN A 26 0.94 -0.17 8.51
N VAL A 27 0.58 0.28 7.31
CA VAL A 27 -0.42 1.32 7.18
C VAL A 27 -1.36 0.99 6.02
N LYS A 28 -2.58 1.48 6.13
CA LYS A 28 -3.58 1.24 5.10
C LYS A 28 -3.70 2.47 4.21
N VAL A 29 -3.66 2.22 2.91
CA VAL A 29 -3.77 3.30 1.94
C VAL A 29 -4.80 2.94 0.88
N ARG A 30 -5.40 3.96 0.30
CA ARG A 30 -6.40 3.76 -0.73
C ARG A 30 -5.94 4.34 -2.07
N ILE A 31 -6.36 3.70 -3.14
CA ILE A 31 -5.99 4.14 -4.47
C ILE A 31 -6.70 5.46 -4.79
N LEU A 32 -5.92 6.42 -5.25
CA LEU A 32 -6.46 7.72 -5.59
C LEU A 32 -6.98 7.69 -7.03
N GLU A 33 -6.35 6.86 -7.84
CA GLU A 33 -6.74 6.72 -9.23
C GLU A 33 -6.05 5.52 -9.86
N GLY A 34 -6.52 5.15 -11.05
CA GLY A 34 -5.96 4.02 -11.76
C GLY A 34 -7.00 2.90 -11.94
N ARG A 35 -8.01 3.21 -12.73
CA ARG A 35 -9.07 2.26 -13.00
C ARG A 35 -9.84 1.95 -11.70
N ASP A 36 -9.21 1.15 -10.85
CA ASP A 36 -9.81 0.77 -9.58
C ASP A 36 -10.30 2.03 -8.87
N LYS A 37 -9.37 2.94 -8.62
CA LYS A 37 -9.69 4.19 -7.93
C LYS A 37 -10.71 3.91 -6.83
N GLY A 38 -10.18 3.59 -5.66
CA GLY A 38 -11.03 3.31 -4.51
C GLY A 38 -10.73 1.92 -3.93
N ARG A 39 -9.44 1.60 -3.91
CA ARG A 39 -9.00 0.31 -3.39
C ARG A 39 -8.10 0.51 -2.17
N VAL A 40 -8.61 0.04 -1.03
CA VAL A 40 -7.86 0.16 0.21
C VAL A 40 -7.03 -1.10 0.43
N ILE A 41 -5.75 -0.89 0.72
CA ILE A 41 -4.85 -2.00 0.95
C ILE A 41 -4.00 -1.70 2.18
N ARG A 42 -3.19 -2.68 2.55
CA ARG A 42 -2.32 -2.54 3.71
C ARG A 42 -0.86 -2.75 3.30
N ARG A 43 -0.15 -1.64 3.21
CA ARG A 43 1.26 -1.67 2.83
C ARG A 43 2.15 -1.58 4.08
N ASN A 44 3.22 -2.35 4.06
CA ASN A 44 4.16 -2.36 5.17
C ASN A 44 5.45 -1.66 4.75
N VAL A 45 5.86 -0.70 5.56
CA VAL A 45 7.07 0.06 5.28
C VAL A 45 7.73 0.45 6.61
N ARG A 46 8.98 0.88 6.51
CA ARG A 46 9.73 1.28 7.68
C ARG A 46 9.54 2.78 7.94
N GLY A 47 9.30 3.10 9.20
CA GLY A 47 9.10 4.49 9.60
C GLY A 47 7.62 4.77 9.87
N PRO A 48 7.36 5.94 10.52
CA PRO A 48 6.01 6.33 10.84
C PRO A 48 5.26 6.82 9.59
N VAL A 49 4.17 7.53 9.84
CA VAL A 49 3.36 8.06 8.75
C VAL A 49 2.30 9.01 9.32
N ARG A 50 1.62 9.69 8.41
CA ARG A 50 0.58 10.63 8.82
C ARG A 50 -0.52 10.67 7.77
N VAL A 51 -1.75 10.51 8.24
CA VAL A 51 -2.90 10.54 7.35
C VAL A 51 -2.71 11.63 6.29
N GLY A 52 -2.76 11.20 5.04
CA GLY A 52 -2.59 12.11 3.93
C GLY A 52 -1.44 11.67 3.02
N ASP A 53 -0.46 11.04 3.62
CA ASP A 53 0.69 10.55 2.87
C ASP A 53 0.22 9.89 1.58
N ILE A 54 1.08 9.97 0.57
CA ILE A 54 0.76 9.39 -0.72
C ILE A 54 1.98 8.64 -1.26
N LEU A 55 1.72 7.48 -1.85
CA LEU A 55 2.78 6.66 -2.40
C LEU A 55 2.21 5.76 -3.49
N ILE A 56 2.96 5.65 -4.59
CA ILE A 56 2.54 4.82 -5.71
C ILE A 56 3.01 3.39 -5.47
N LEU A 57 2.20 2.45 -5.95
CA LEU A 57 2.52 1.04 -5.80
C LEU A 57 2.82 0.44 -7.18
N ARG A 58 4.07 0.54 -7.59
CA ARG A 58 4.49 0.02 -8.87
C ARG A 58 4.41 -1.50 -8.88
N GLU A 59 4.44 -2.07 -7.68
CA GLU A 59 4.38 -3.51 -7.53
C GLU A 59 3.73 -3.88 -6.19
N THR A 60 4.21 -3.23 -5.14
CA THR A 60 3.69 -3.48 -3.81
C THR A 60 4.30 -4.75 -3.22
N GLU A 61 5.11 -5.41 -4.04
CA GLU A 61 5.77 -6.64 -3.63
C GLU A 61 4.75 -7.59 -2.98
N ARG A 62 5.26 -8.70 -2.47
CA ARG A 62 4.42 -9.69 -1.83
C ARG A 62 5.21 -10.43 -0.74
N GLU A 63 6.27 -11.08 -1.17
CA GLU A 63 7.11 -11.83 -0.26
C GLU A 63 6.34 -13.00 0.33
N ALA A 64 6.24 -14.07 -0.46
CA ALA A 64 5.53 -15.26 -0.04
C ALA A 64 6.53 -16.31 0.44
N ARG A 65 7.32 -15.92 1.43
CA ARG A 65 8.32 -16.81 1.98
C ARG A 65 7.69 -18.14 2.41
N GLU A 66 6.75 -18.02 3.34
CA GLU A 66 6.06 -19.19 3.85
C GLU A 66 7.04 -20.16 4.50
N ILE A 67 7.63 -19.70 5.60
CA ILE A 67 8.59 -20.51 6.32
C ILE A 67 8.10 -21.96 6.39
N LYS A 68 8.84 -22.83 5.73
CA LYS A 68 8.48 -24.24 5.70
C LYS A 68 8.51 -24.79 7.13
N SER A 69 9.44 -24.27 7.92
CA SER A 69 9.57 -24.69 9.30
C SER A 69 8.19 -24.93 9.92
N ARG A 70 7.42 -23.85 9.94
CA ARG A 70 6.07 -23.92 10.51
C ARG A 70 6.07 -24.77 11.78
N ARG A 71 6.33 -24.10 12.90
CA ARG A 71 6.37 -24.77 14.18
C ARG A 71 5.37 -24.13 15.14
N MET A 1 3.90 8.36 -23.06
CA MET A 1 5.28 8.51 -23.50
C MET A 1 6.24 8.45 -22.32
N ALA A 2 6.12 9.43 -21.44
CA ALA A 2 6.97 9.48 -20.27
C ALA A 2 6.52 8.43 -19.26
N GLU A 3 6.62 8.79 -17.99
CA GLU A 3 6.22 7.88 -16.92
C GLU A 3 5.00 8.42 -16.18
N ASP A 4 3.89 7.72 -16.34
CA ASP A 4 2.65 8.12 -15.70
C ASP A 4 1.80 6.88 -15.41
N GLU A 5 2.47 5.73 -15.40
CA GLU A 5 1.80 4.47 -15.13
C GLU A 5 2.09 4.00 -13.71
N GLY A 6 1.14 4.27 -12.83
CA GLY A 6 1.27 3.87 -11.43
C GLY A 6 0.16 4.49 -10.58
N TYR A 7 -0.58 3.61 -9.92
CA TYR A 7 -1.67 4.05 -9.07
C TYR A 7 -1.17 4.40 -7.67
N PRO A 8 -1.25 5.71 -7.33
CA PRO A 8 -0.81 6.18 -6.01
C PRO A 8 -1.82 5.79 -4.93
N ALA A 9 -1.28 5.48 -3.76
CA ALA A 9 -2.11 5.09 -2.63
C ALA A 9 -1.90 6.08 -1.48
N GLU A 10 -3.00 6.66 -1.04
CA GLU A 10 -2.95 7.63 0.05
C GLU A 10 -3.42 6.97 1.35
N VAL A 11 -2.57 7.09 2.37
CA VAL A 11 -2.89 6.51 3.66
C VAL A 11 -4.23 7.08 4.16
N ILE A 12 -5.17 6.17 4.38
CA ILE A 12 -6.48 6.56 4.84
C ILE A 12 -6.51 6.53 6.37
N GLU A 13 -5.79 5.57 6.92
CA GLU A 13 -5.72 5.42 8.37
C GLU A 13 -4.53 4.54 8.75
N ILE A 14 -3.90 4.90 9.87
CA ILE A 14 -2.75 4.15 10.35
C ILE A 14 -3.23 3.03 11.27
N ILE A 15 -2.76 1.83 10.98
CA ILE A 15 -3.13 0.67 11.77
C ILE A 15 -2.28 0.63 13.03
N GLY A 16 -1.04 0.19 12.87
CA GLY A 16 -0.12 0.10 14.00
C GLY A 16 1.31 -0.16 13.51
N ARG A 17 2.26 0.42 14.23
CA ARG A 17 3.66 0.26 13.88
C ARG A 17 4.25 -0.94 14.63
N THR A 18 5.21 -1.58 13.97
CA THR A 18 5.86 -2.74 14.56
C THR A 18 7.37 -2.70 14.28
N GLY A 19 8.00 -3.86 14.44
CA GLY A 19 9.43 -3.96 14.20
C GLY A 19 9.79 -5.34 13.63
N THR A 20 10.62 -6.06 14.37
CA THR A 20 11.04 -7.38 13.95
C THR A 20 11.86 -7.28 12.66
N THR A 21 11.16 -7.07 11.55
CA THR A 21 11.81 -6.96 10.26
C THR A 21 12.79 -5.78 10.25
N GLY A 22 12.38 -4.70 10.91
CA GLY A 22 13.20 -3.51 11.00
C GLY A 22 12.33 -2.26 11.16
N ASP A 23 11.73 -2.14 12.34
CA ASP A 23 10.89 -1.01 12.64
C ASP A 23 9.89 -0.81 11.49
N VAL A 24 9.11 -1.84 11.23
CA VAL A 24 8.13 -1.79 10.17
C VAL A 24 6.92 -0.95 10.63
N THR A 25 6.16 -0.48 9.66
CA THR A 25 5.00 0.33 9.95
C THR A 25 3.87 0.03 8.95
N GLN A 26 2.87 -0.69 9.43
CA GLN A 26 1.74 -1.06 8.60
C GLN A 26 0.66 0.04 8.66
N VAL A 27 0.04 0.27 7.52
CA VAL A 27 -1.01 1.27 7.43
C VAL A 27 -1.91 0.96 6.23
N LYS A 28 -3.13 1.47 6.31
CA LYS A 28 -4.10 1.25 5.25
C LYS A 28 -4.07 2.45 4.29
N VAL A 29 -3.93 2.13 3.01
CA VAL A 29 -3.89 3.16 1.99
C VAL A 29 -5.02 2.93 0.99
N ARG A 30 -5.48 4.01 0.39
CA ARG A 30 -6.55 3.94 -0.59
C ARG A 30 -6.05 4.38 -1.97
N ILE A 31 -6.62 3.77 -2.99
CA ILE A 31 -6.25 4.08 -4.36
C ILE A 31 -6.80 5.46 -4.74
N LEU A 32 -5.89 6.32 -5.17
CA LEU A 32 -6.27 7.66 -5.56
C LEU A 32 -7.00 7.62 -6.90
N GLU A 33 -6.52 6.74 -7.77
CA GLU A 33 -7.11 6.58 -9.09
C GLU A 33 -6.61 5.31 -9.75
N GLY A 34 -7.29 4.93 -10.83
CA GLY A 34 -6.91 3.73 -11.56
C GLY A 34 -8.07 2.73 -11.60
N ARG A 35 -9.14 3.14 -12.25
CA ARG A 35 -10.32 2.29 -12.37
C ARG A 35 -11.02 2.16 -11.01
N ASP A 36 -10.41 1.36 -10.15
CA ASP A 36 -10.96 1.14 -8.81
C ASP A 36 -11.19 2.50 -8.14
N LYS A 37 -10.12 3.27 -8.06
CA LYS A 37 -10.19 4.58 -7.45
C LYS A 37 -11.05 4.50 -6.18
N GLY A 38 -10.38 4.22 -5.07
CA GLY A 38 -11.06 4.11 -3.79
C GLY A 38 -10.72 2.79 -3.10
N ARG A 39 -10.11 1.89 -3.87
CA ARG A 39 -9.72 0.60 -3.33
C ARG A 39 -8.79 0.77 -2.14
N VAL A 40 -9.22 0.26 -1.00
CA VAL A 40 -8.43 0.34 0.21
C VAL A 40 -7.59 -0.93 0.36
N ILE A 41 -6.39 -0.76 0.88
CA ILE A 41 -5.49 -1.87 1.08
C ILE A 41 -4.61 -1.60 2.30
N ARG A 42 -3.81 -2.59 2.66
CA ARG A 42 -2.91 -2.48 3.80
C ARG A 42 -1.46 -2.62 3.35
N ARG A 43 -0.79 -1.49 3.28
CA ARG A 43 0.61 -1.47 2.86
C ARG A 43 1.53 -1.39 4.09
N ASN A 44 2.65 -2.08 4.00
CA ASN A 44 3.61 -2.09 5.09
C ASN A 44 4.90 -1.39 4.64
N VAL A 45 5.17 -0.27 5.26
CA VAL A 45 6.36 0.50 4.93
C VAL A 45 7.23 0.65 6.18
N ARG A 46 8.54 0.71 5.96
CA ARG A 46 9.48 0.85 7.05
C ARG A 46 9.67 2.33 7.41
N GLY A 47 9.64 2.60 8.70
CA GLY A 47 9.79 3.96 9.19
C GLY A 47 8.48 4.49 9.76
N PRO A 48 8.39 5.85 9.81
CA PRO A 48 7.19 6.49 10.33
C PRO A 48 6.03 6.40 9.33
N VAL A 49 5.00 7.19 9.60
CA VAL A 49 3.83 7.21 8.74
C VAL A 49 2.88 8.30 9.21
N ARG A 50 2.12 8.83 8.25
CA ARG A 50 1.16 9.88 8.55
C ARG A 50 0.06 9.93 7.49
N VAL A 51 -1.15 10.19 7.94
CA VAL A 51 -2.28 10.27 7.03
C VAL A 51 -1.97 11.27 5.91
N GLY A 52 -2.11 10.79 4.68
CA GLY A 52 -1.84 11.62 3.52
C GLY A 52 -0.69 11.06 2.69
N ASP A 53 0.18 10.31 3.37
CA ASP A 53 1.33 9.71 2.71
C ASP A 53 0.86 9.03 1.41
N ILE A 54 1.63 9.27 0.35
CA ILE A 54 1.31 8.69 -0.94
C ILE A 54 2.34 7.62 -1.27
N LEU A 55 1.85 6.52 -1.84
CA LEU A 55 2.71 5.41 -2.22
C LEU A 55 2.10 4.67 -3.41
N ILE A 56 2.81 4.72 -4.53
CA ILE A 56 2.35 4.06 -5.73
C ILE A 56 2.77 2.59 -5.70
N LEU A 57 1.96 1.77 -6.35
CA LEU A 57 2.24 0.34 -6.41
C LEU A 57 1.47 -0.28 -7.59
N ARG A 58 2.24 -0.77 -8.55
CA ARG A 58 1.65 -1.39 -9.72
C ARG A 58 1.13 -2.79 -9.39
N GLU A 59 0.03 -2.81 -8.66
CA GLU A 59 -0.58 -4.07 -8.27
C GLU A 59 -1.83 -3.81 -7.42
N THR A 60 -2.82 -4.67 -7.61
CA THR A 60 -4.06 -4.56 -6.87
C THR A 60 -5.17 -5.39 -7.53
N GLU A 61 -5.10 -5.46 -8.85
CA GLU A 61 -6.07 -6.21 -9.61
C GLU A 61 -5.88 -7.72 -9.39
N ARG A 62 -6.97 -8.46 -9.52
CA ARG A 62 -6.94 -9.90 -9.33
C ARG A 62 -7.40 -10.61 -10.60
N GLU A 63 -6.74 -11.72 -10.91
CA GLU A 63 -7.08 -12.49 -12.08
C GLU A 63 -8.48 -13.08 -11.93
N ALA A 64 -9.35 -12.70 -12.87
CA ALA A 64 -10.72 -13.18 -12.85
C ALA A 64 -11.30 -13.11 -14.27
N ARG A 65 -11.51 -11.89 -14.73
CA ARG A 65 -12.06 -11.68 -16.06
C ARG A 65 -13.58 -11.84 -16.05
N GLU A 66 -14.03 -12.97 -15.54
CA GLU A 66 -15.44 -13.25 -15.46
C GLU A 66 -16.02 -13.45 -16.86
N ILE A 67 -15.40 -14.34 -17.61
CA ILE A 67 -15.84 -14.63 -18.97
C ILE A 67 -17.05 -15.55 -18.91
N LYS A 68 -17.73 -15.64 -20.04
CA LYS A 68 -18.91 -16.49 -20.14
C LYS A 68 -19.36 -16.56 -21.60
N SER A 69 -18.38 -16.59 -22.49
CA SER A 69 -18.67 -16.66 -23.92
C SER A 69 -19.65 -17.80 -24.20
N ARG A 70 -19.21 -19.01 -23.88
CA ARG A 70 -20.05 -20.18 -24.09
C ARG A 70 -20.79 -20.07 -25.42
N ARG A 71 -20.16 -20.58 -26.46
CA ARG A 71 -20.75 -20.54 -27.79
C ARG A 71 -21.47 -21.86 -28.08
N MET A 1 3.69 10.69 -22.48
CA MET A 1 2.44 10.89 -21.78
C MET A 1 2.63 10.76 -20.27
N ALA A 2 1.57 11.06 -19.54
CA ALA A 2 1.61 10.97 -18.08
C ALA A 2 1.40 9.53 -17.65
N GLU A 3 0.29 8.96 -18.11
CA GLU A 3 -0.05 7.59 -17.77
C GLU A 3 1.21 6.73 -17.72
N ASP A 4 1.50 6.21 -16.54
CA ASP A 4 2.66 5.37 -16.35
C ASP A 4 2.31 4.21 -15.43
N GLU A 5 1.01 4.00 -15.27
CA GLU A 5 0.52 2.93 -14.42
C GLU A 5 0.85 3.21 -12.96
N GLY A 6 1.29 4.44 -12.71
CA GLY A 6 1.64 4.85 -11.36
C GLY A 6 0.40 5.18 -10.55
N TYR A 7 -0.23 4.13 -10.02
CA TYR A 7 -1.43 4.30 -9.22
C TYR A 7 -1.09 4.90 -7.85
N PRO A 8 -1.57 6.15 -7.65
CA PRO A 8 -1.32 6.85 -6.39
C PRO A 8 -2.21 6.29 -5.28
N ALA A 9 -1.65 6.24 -4.08
CA ALA A 9 -2.38 5.73 -2.92
C ALA A 9 -2.26 6.74 -1.77
N GLU A 10 -3.39 6.98 -1.12
CA GLU A 10 -3.42 7.90 0.00
C GLU A 10 -3.75 7.16 1.29
N VAL A 11 -2.88 7.32 2.27
CA VAL A 11 -3.07 6.67 3.56
C VAL A 11 -4.48 6.97 4.07
N ILE A 12 -5.14 5.93 4.54
CA ILE A 12 -6.49 6.06 5.06
C ILE A 12 -6.49 5.76 6.57
N GLU A 13 -5.64 4.81 6.93
CA GLU A 13 -5.53 4.42 8.34
C GLU A 13 -4.23 3.64 8.56
N ILE A 14 -3.64 3.88 9.73
CA ILE A 14 -2.40 3.21 10.08
C ILE A 14 -2.71 1.99 10.97
N ILE A 15 -1.99 0.92 10.71
CA ILE A 15 -2.17 -0.31 11.46
C ILE A 15 -1.17 -0.35 12.62
N GLY A 16 0.04 -0.76 12.30
CA GLY A 16 1.09 -0.84 13.30
C GLY A 16 2.41 -1.33 12.67
N ARG A 17 3.36 -1.64 13.53
CA ARG A 17 4.66 -2.11 13.09
C ARG A 17 4.75 -3.63 13.23
N THR A 18 5.80 -4.18 12.65
CA THR A 18 6.02 -5.62 12.70
C THR A 18 7.44 -5.95 12.25
N GLY A 19 8.39 -5.19 12.78
CA GLY A 19 9.79 -5.40 12.46
C GLY A 19 10.61 -5.70 13.72
N THR A 20 10.15 -6.68 14.47
CA THR A 20 10.82 -7.07 15.69
C THR A 20 10.72 -5.96 16.74
N THR A 21 11.59 -4.97 16.58
CA THR A 21 11.60 -3.84 17.50
C THR A 21 10.70 -2.72 16.99
N GLY A 22 10.50 -2.72 15.68
CA GLY A 22 9.66 -1.72 15.05
C GLY A 22 10.31 -1.18 13.78
N ASP A 23 10.84 -2.09 12.98
CA ASP A 23 11.49 -1.71 11.74
C ASP A 23 10.45 -1.67 10.61
N VAL A 24 9.35 -2.37 10.85
CA VAL A 24 8.28 -2.41 9.86
C VAL A 24 7.12 -1.54 10.34
N THR A 25 6.41 -0.98 9.36
CA THR A 25 5.28 -0.12 9.66
C THR A 25 4.16 -0.35 8.65
N GLN A 26 3.20 -1.18 9.05
CA GLN A 26 2.07 -1.49 8.20
C GLN A 26 1.05 -0.34 8.22
N VAL A 27 0.51 -0.05 7.04
CA VAL A 27 -0.47 1.01 6.92
C VAL A 27 -1.38 0.72 5.72
N LYS A 28 -2.62 1.18 5.84
CA LYS A 28 -3.60 0.97 4.79
C LYS A 28 -3.61 2.20 3.87
N VAL A 29 -3.57 1.93 2.57
CA VAL A 29 -3.57 2.98 1.58
C VAL A 29 -4.76 2.79 0.64
N ARG A 30 -5.38 3.91 0.28
CA ARG A 30 -6.53 3.88 -0.61
C ARG A 30 -6.14 4.39 -2.00
N ILE A 31 -6.78 3.83 -3.01
CA ILE A 31 -6.51 4.23 -4.38
C ILE A 31 -7.16 5.57 -4.65
N LEU A 32 -6.34 6.62 -4.60
CA LEU A 32 -6.83 7.97 -4.84
C LEU A 32 -7.56 8.01 -6.17
N GLU A 33 -7.01 7.31 -7.14
CA GLU A 33 -7.60 7.26 -8.48
C GLU A 33 -6.90 6.19 -9.33
N GLY A 34 -7.48 5.95 -10.50
CA GLY A 34 -6.93 4.96 -11.40
C GLY A 34 -7.94 3.83 -11.67
N ARG A 35 -9.19 4.23 -11.83
CA ARG A 35 -10.25 3.27 -12.08
C ARG A 35 -10.76 2.68 -10.77
N ASP A 36 -9.81 2.27 -9.93
CA ASP A 36 -10.16 1.68 -8.64
C ASP A 36 -10.17 2.78 -7.58
N LYS A 37 -10.52 3.98 -8.02
CA LYS A 37 -10.58 5.12 -7.12
C LYS A 37 -11.43 4.76 -5.91
N GLY A 38 -10.76 4.20 -4.90
CA GLY A 38 -11.43 3.81 -3.68
C GLY A 38 -10.85 2.51 -3.12
N ARG A 39 -10.38 1.67 -4.03
CA ARG A 39 -9.78 0.40 -3.63
C ARG A 39 -8.73 0.62 -2.55
N VAL A 40 -8.97 -0.01 -1.41
CA VAL A 40 -8.06 0.11 -0.29
C VAL A 40 -7.27 -1.19 -0.14
N ILE A 41 -6.03 -1.05 0.33
CA ILE A 41 -5.17 -2.21 0.52
C ILE A 41 -4.26 -1.97 1.73
N ARG A 42 -3.52 -2.99 2.09
CA ARG A 42 -2.61 -2.91 3.21
C ARG A 42 -1.16 -2.91 2.72
N ARG A 43 -0.59 -1.71 2.69
CA ARG A 43 0.79 -1.55 2.25
C ARG A 43 1.72 -1.44 3.45
N ASN A 44 2.75 -2.29 3.44
CA ASN A 44 3.72 -2.30 4.52
C ASN A 44 4.97 -1.53 4.09
N VAL A 45 5.35 -0.57 4.91
CA VAL A 45 6.53 0.23 4.63
C VAL A 45 7.36 0.38 5.91
N ARG A 46 8.65 0.61 5.70
CA ARG A 46 9.57 0.77 6.82
C ARG A 46 9.62 2.25 7.25
N GLY A 47 9.46 2.47 8.55
CA GLY A 47 9.50 3.81 9.08
C GLY A 47 8.10 4.27 9.51
N PRO A 48 8.04 5.54 9.98
CA PRO A 48 6.77 6.11 10.43
C PRO A 48 5.90 6.49 9.22
N VAL A 49 4.81 7.18 9.52
CA VAL A 49 3.88 7.60 8.47
C VAL A 49 2.88 8.59 9.07
N ARG A 50 2.07 9.16 8.18
CA ARG A 50 1.06 10.12 8.60
C ARG A 50 -0.09 10.14 7.59
N VAL A 51 -1.31 10.17 8.14
CA VAL A 51 -2.50 10.19 7.30
C VAL A 51 -2.35 11.28 6.24
N GLY A 52 -2.66 10.91 5.01
CA GLY A 52 -2.56 11.84 3.90
C GLY A 52 -1.39 11.46 2.98
N ASP A 53 -0.44 10.74 3.53
CA ASP A 53 0.72 10.31 2.77
C ASP A 53 0.27 9.77 1.42
N ILE A 54 0.89 10.30 0.37
CA ILE A 54 0.56 9.88 -0.98
C ILE A 54 1.75 9.12 -1.58
N LEU A 55 1.53 7.82 -1.79
CA LEU A 55 2.57 6.97 -2.35
C LEU A 55 1.98 6.15 -3.50
N ILE A 56 2.75 6.07 -4.57
CA ILE A 56 2.32 5.31 -5.74
C ILE A 56 2.90 3.90 -5.67
N LEU A 57 2.11 2.95 -6.16
CA LEU A 57 2.53 1.56 -6.15
C LEU A 57 2.10 0.89 -7.47
N ARG A 58 3.05 0.23 -8.10
CA ARG A 58 2.77 -0.45 -9.35
C ARG A 58 2.41 -1.92 -9.10
N GLU A 59 3.20 -2.55 -8.25
CA GLU A 59 2.96 -3.94 -7.91
C GLU A 59 2.09 -4.05 -6.65
N THR A 60 1.57 -5.24 -6.43
CA THR A 60 0.72 -5.49 -5.28
C THR A 60 -0.71 -5.03 -5.56
N GLU A 61 -0.95 -4.67 -6.81
CA GLU A 61 -2.26 -4.21 -7.22
C GLU A 61 -3.09 -5.39 -7.76
N ARG A 62 -2.40 -6.28 -8.44
CA ARG A 62 -3.05 -7.46 -9.01
C ARG A 62 -2.94 -8.64 -8.05
N GLU A 63 -4.03 -9.40 -7.99
CA GLU A 63 -4.07 -10.56 -7.12
C GLU A 63 -4.68 -11.75 -7.85
N ALA A 64 -4.35 -12.95 -7.37
CA ALA A 64 -4.86 -14.16 -7.98
C ALA A 64 -4.39 -15.37 -7.15
N ARG A 65 -3.08 -15.57 -7.14
CA ARG A 65 -2.49 -16.67 -6.41
C ARG A 65 -2.66 -17.97 -7.18
N GLU A 66 -3.92 -18.34 -7.41
CA GLU A 66 -4.23 -19.56 -8.13
C GLU A 66 -3.76 -20.78 -7.32
N ILE A 67 -4.45 -21.03 -6.23
CA ILE A 67 -4.13 -22.16 -5.38
C ILE A 67 -4.44 -23.46 -6.12
N LYS A 68 -5.57 -23.45 -6.81
CA LYS A 68 -5.98 -24.62 -7.57
C LYS A 68 -5.74 -25.88 -6.74
N SER A 69 -6.38 -25.91 -5.57
CA SER A 69 -6.24 -27.04 -4.67
C SER A 69 -7.16 -28.18 -5.11
N ARG A 70 -6.66 -29.40 -4.96
CA ARG A 70 -7.44 -30.57 -5.33
C ARG A 70 -6.81 -31.83 -4.73
N ARG A 71 -7.60 -32.89 -4.72
CA ARG A 71 -7.15 -34.17 -4.18
C ARG A 71 -7.62 -35.32 -5.06
N MET A 1 12.03 6.67 -11.39
CA MET A 1 12.68 7.90 -11.76
C MET A 1 11.67 9.05 -11.87
N ALA A 2 10.78 8.92 -12.84
CA ALA A 2 9.76 9.93 -13.06
C ALA A 2 8.37 9.28 -12.99
N GLU A 3 8.27 8.13 -13.63
CA GLU A 3 7.01 7.39 -13.65
C GLU A 3 6.30 7.52 -12.30
N ASP A 4 5.12 8.12 -12.35
CA ASP A 4 4.33 8.32 -11.14
C ASP A 4 2.84 8.31 -11.50
N GLU A 5 2.55 7.74 -12.66
CA GLU A 5 1.18 7.66 -13.13
C GLU A 5 0.58 6.28 -12.84
N GLY A 6 1.32 5.51 -12.05
CA GLY A 6 0.88 4.17 -11.68
C GLY A 6 -0.39 4.22 -10.86
N TYR A 7 -0.38 3.51 -9.75
CA TYR A 7 -1.53 3.45 -8.87
C TYR A 7 -1.22 4.13 -7.52
N PRO A 8 -1.58 5.44 -7.45
CA PRO A 8 -1.36 6.22 -6.24
C PRO A 8 -2.36 5.84 -5.16
N ALA A 9 -1.84 5.64 -3.96
CA ALA A 9 -2.68 5.27 -2.83
C ALA A 9 -2.39 6.23 -1.67
N GLU A 10 -3.46 6.84 -1.17
CA GLU A 10 -3.34 7.76 -0.06
C GLU A 10 -3.64 7.05 1.26
N VAL A 11 -2.87 7.41 2.28
CA VAL A 11 -3.04 6.82 3.59
C VAL A 11 -4.40 7.24 4.17
N ILE A 12 -5.17 6.23 4.56
CA ILE A 12 -6.48 6.48 5.13
C ILE A 12 -6.44 6.24 6.64
N GLU A 13 -5.59 5.30 7.04
CA GLU A 13 -5.45 4.97 8.44
C GLU A 13 -4.16 4.19 8.68
N ILE A 14 -3.53 4.48 9.81
CA ILE A 14 -2.27 3.82 10.16
C ILE A 14 -2.57 2.67 11.12
N ILE A 15 -2.13 1.49 10.73
CA ILE A 15 -2.33 0.30 11.55
C ILE A 15 -1.32 0.30 12.70
N GLY A 16 -0.06 0.18 12.33
CA GLY A 16 1.01 0.17 13.32
C GLY A 16 2.31 -0.38 12.72
N ARG A 17 2.99 -1.21 13.49
CA ARG A 17 4.23 -1.80 13.06
C ARG A 17 4.19 -3.32 13.24
N THR A 18 4.95 -4.01 12.41
CA THR A 18 5.02 -5.46 12.48
C THR A 18 6.42 -5.94 12.11
N GLY A 19 7.40 -5.45 12.85
CA GLY A 19 8.79 -5.82 12.61
C GLY A 19 9.40 -6.45 13.87
N THR A 20 10.44 -7.23 13.64
CA THR A 20 11.13 -7.90 14.73
C THR A 20 11.33 -6.93 15.90
N THR A 21 11.93 -5.79 15.59
CA THR A 21 12.18 -4.78 16.60
C THR A 21 11.28 -3.57 16.39
N GLY A 22 10.74 -3.49 15.19
CA GLY A 22 9.85 -2.39 14.84
C GLY A 22 10.43 -1.55 13.70
N ASP A 23 10.86 -2.24 12.65
CA ASP A 23 11.45 -1.57 11.49
C ASP A 23 10.38 -1.43 10.40
N VAL A 24 9.51 -2.43 10.34
CA VAL A 24 8.44 -2.43 9.36
C VAL A 24 7.28 -1.57 9.87
N THR A 25 6.59 -0.95 8.92
CA THR A 25 5.46 -0.09 9.26
C THR A 25 4.29 -0.35 8.31
N GLN A 26 3.26 -0.97 8.85
CA GLN A 26 2.07 -1.27 8.07
C GLN A 26 1.04 -0.16 8.19
N VAL A 27 0.46 0.20 7.05
CA VAL A 27 -0.54 1.26 7.02
C VAL A 27 -1.54 0.98 5.90
N LYS A 28 -2.73 1.53 6.05
CA LYS A 28 -3.78 1.34 5.06
C LYS A 28 -3.79 2.54 4.11
N VAL A 29 -3.90 2.24 2.83
CA VAL A 29 -3.93 3.28 1.81
C VAL A 29 -5.04 2.96 0.80
N ARG A 30 -5.80 3.98 0.46
CA ARG A 30 -6.88 3.84 -0.49
C ARG A 30 -6.43 4.30 -1.88
N ILE A 31 -7.02 3.68 -2.90
CA ILE A 31 -6.70 4.02 -4.28
C ILE A 31 -7.35 5.35 -4.63
N LEU A 32 -6.51 6.36 -4.81
CA LEU A 32 -7.00 7.69 -5.17
C LEU A 32 -7.67 7.64 -6.55
N GLU A 33 -7.01 6.93 -7.45
CA GLU A 33 -7.53 6.79 -8.80
C GLU A 33 -6.95 5.55 -9.47
N GLY A 34 -7.54 5.18 -10.61
CA GLY A 34 -7.09 4.03 -11.36
C GLY A 34 -8.28 3.24 -11.91
N ARG A 35 -8.30 1.95 -11.60
CA ARG A 35 -9.36 1.08 -12.06
C ARG A 35 -10.46 0.97 -10.99
N ASP A 36 -10.01 0.87 -9.74
CA ASP A 36 -10.93 0.75 -8.63
C ASP A 36 -11.24 2.16 -8.09
N LYS A 37 -10.21 2.98 -8.04
CA LYS A 37 -10.36 4.34 -7.55
C LYS A 37 -11.34 4.35 -6.38
N GLY A 38 -10.79 4.14 -5.19
CA GLY A 38 -11.60 4.12 -3.98
C GLY A 38 -11.57 2.75 -3.31
N ARG A 39 -10.40 2.12 -3.38
CA ARG A 39 -10.22 0.81 -2.79
C ARG A 39 -9.18 0.87 -1.66
N VAL A 40 -9.64 0.55 -0.46
CA VAL A 40 -8.77 0.56 0.70
C VAL A 40 -7.91 -0.71 0.71
N ILE A 41 -6.64 -0.52 1.01
CA ILE A 41 -5.71 -1.63 1.06
C ILE A 41 -4.76 -1.45 2.25
N ARG A 42 -3.89 -2.44 2.42
CA ARG A 42 -2.93 -2.42 3.51
C ARG A 42 -1.52 -2.65 2.99
N ARG A 43 -0.76 -1.57 2.90
CA ARG A 43 0.61 -1.65 2.42
C ARG A 43 1.59 -1.66 3.59
N ASN A 44 2.60 -2.51 3.47
CA ASN A 44 3.61 -2.62 4.51
C ASN A 44 4.95 -2.11 3.97
N VAL A 45 5.46 -1.09 4.64
CA VAL A 45 6.73 -0.49 4.25
C VAL A 45 7.49 -0.04 5.51
N ARG A 46 8.81 -0.05 5.39
CA ARG A 46 9.66 0.36 6.49
C ARG A 46 9.80 1.88 6.53
N GLY A 47 9.50 2.45 7.69
CA GLY A 47 9.59 3.90 7.87
C GLY A 47 8.26 4.47 8.34
N PRO A 48 8.34 5.70 8.91
CA PRO A 48 7.16 6.37 9.42
C PRO A 48 6.31 6.94 8.26
N VAL A 49 5.20 7.53 8.63
CA VAL A 49 4.30 8.10 7.64
C VAL A 49 3.27 8.99 8.35
N ARG A 50 2.39 9.57 7.55
CA ARG A 50 1.35 10.44 8.08
C ARG A 50 0.17 10.51 7.11
N VAL A 51 -1.02 10.59 7.68
CA VAL A 51 -2.23 10.67 6.88
C VAL A 51 -2.04 11.73 5.78
N GLY A 52 -2.34 11.32 4.55
CA GLY A 52 -2.21 12.21 3.42
C GLY A 52 -1.14 11.72 2.45
N ASP A 53 -0.19 10.97 3.00
CA ASP A 53 0.89 10.43 2.20
C ASP A 53 0.32 9.64 1.03
N ILE A 54 1.04 9.67 -0.08
CA ILE A 54 0.61 8.96 -1.28
C ILE A 54 1.78 8.14 -1.83
N LEU A 55 1.45 6.93 -2.24
CA LEU A 55 2.46 6.04 -2.80
C LEU A 55 1.91 5.35 -4.05
N ILE A 56 2.75 5.27 -5.06
CA ILE A 56 2.37 4.64 -6.31
C ILE A 56 2.85 3.19 -6.33
N LEU A 57 3.41 2.79 -7.47
CA LEU A 57 3.92 1.44 -7.62
C LEU A 57 2.79 0.54 -8.12
N ARG A 58 3.16 -0.36 -9.02
CA ARG A 58 2.18 -1.29 -9.58
C ARG A 58 2.20 -2.60 -8.79
N GLU A 59 3.40 -3.04 -8.44
CA GLU A 59 3.56 -4.27 -7.69
C GLU A 59 2.44 -4.41 -6.65
N THR A 60 1.95 -3.27 -6.19
CA THR A 60 0.89 -3.25 -5.20
C THR A 60 -0.47 -3.45 -5.88
N GLU A 61 -0.53 -4.48 -6.71
CA GLU A 61 -1.75 -4.80 -7.42
C GLU A 61 -2.60 -5.79 -6.62
N ARG A 62 -1.91 -6.57 -5.80
CA ARG A 62 -2.57 -7.56 -4.97
C ARG A 62 -3.24 -8.61 -5.85
N GLU A 63 -2.74 -9.83 -5.74
CA GLU A 63 -3.29 -10.94 -6.52
C GLU A 63 -2.85 -12.28 -5.92
N ALA A 64 -3.36 -12.54 -4.72
CA ALA A 64 -3.03 -13.79 -4.03
C ALA A 64 -3.27 -14.97 -4.98
N ARG A 65 -2.32 -15.89 -4.98
CA ARG A 65 -2.41 -17.08 -5.82
C ARG A 65 -3.66 -17.89 -5.45
N GLU A 66 -3.93 -17.93 -4.15
CA GLU A 66 -5.07 -18.67 -3.66
C GLU A 66 -4.78 -20.17 -3.65
N ILE A 67 -3.91 -20.57 -2.74
CA ILE A 67 -3.53 -21.96 -2.62
C ILE A 67 -4.32 -22.60 -1.48
N LYS A 68 -4.11 -23.90 -1.30
CA LYS A 68 -4.78 -24.64 -0.26
C LYS A 68 -4.19 -26.04 -0.16
N SER A 69 -2.90 -26.08 0.14
CA SER A 69 -2.19 -27.34 0.27
C SER A 69 -2.05 -27.71 1.74
N ARG A 70 -2.64 -28.84 2.10
CA ARG A 70 -2.58 -29.31 3.47
C ARG A 70 -2.62 -30.85 3.51
N ARG A 71 -1.72 -31.41 4.30
CA ARG A 71 -1.64 -32.85 4.43
C ARG A 71 -2.44 -33.31 5.65
N MET A 1 8.79 14.33 -20.30
CA MET A 1 8.12 13.07 -20.56
C MET A 1 8.65 11.97 -19.63
N ALA A 2 8.08 11.93 -18.43
CA ALA A 2 8.49 10.94 -17.45
C ALA A 2 7.28 10.07 -17.08
N GLU A 3 7.58 8.91 -16.52
CA GLU A 3 6.53 7.98 -16.12
C GLU A 3 6.33 8.02 -14.60
N ASP A 4 5.18 8.55 -14.21
CA ASP A 4 4.85 8.66 -12.80
C ASP A 4 3.33 8.63 -12.64
N GLU A 5 2.65 8.10 -13.65
CA GLU A 5 1.21 8.02 -13.63
C GLU A 5 0.77 6.55 -13.55
N GLY A 6 0.42 6.15 -12.34
CA GLY A 6 -0.02 4.78 -12.11
C GLY A 6 -1.22 4.74 -11.16
N TYR A 7 -1.17 3.79 -10.24
CA TYR A 7 -2.24 3.62 -9.27
C TYR A 7 -1.72 3.87 -7.85
N PRO A 8 -1.62 5.19 -7.49
CA PRO A 8 -1.15 5.57 -6.18
C PRO A 8 -2.22 5.33 -5.11
N ALA A 9 -1.78 5.28 -3.87
CA ALA A 9 -2.69 5.05 -2.76
C ALA A 9 -2.45 6.11 -1.68
N GLU A 10 -3.52 6.46 -0.99
CA GLU A 10 -3.43 7.46 0.07
C GLU A 10 -3.71 6.81 1.43
N VAL A 11 -2.84 7.13 2.38
CA VAL A 11 -2.98 6.59 3.73
C VAL A 11 -4.27 7.13 4.36
N ILE A 12 -5.10 6.21 4.81
CA ILE A 12 -6.36 6.57 5.42
C ILE A 12 -6.30 6.25 6.92
N GLU A 13 -5.56 5.20 7.24
CA GLU A 13 -5.42 4.78 8.62
C GLU A 13 -4.21 3.84 8.77
N ILE A 14 -3.51 3.99 9.88
CA ILE A 14 -2.34 3.17 10.15
C ILE A 14 -2.76 1.95 10.99
N ILE A 15 -2.20 0.80 10.62
CA ILE A 15 -2.50 -0.43 11.32
C ILE A 15 -1.69 -0.51 12.60
N GLY A 16 -0.37 -0.59 12.42
CA GLY A 16 0.54 -0.66 13.55
C GLY A 16 1.89 -1.24 13.14
N ARG A 17 2.94 -0.50 13.46
CA ARG A 17 4.28 -0.94 13.13
C ARG A 17 4.70 -2.12 14.01
N THR A 18 5.60 -2.92 13.47
CA THR A 18 6.09 -4.09 14.19
C THR A 18 7.56 -4.34 13.87
N GLY A 19 7.79 -4.85 12.66
CA GLY A 19 9.14 -5.15 12.22
C GLY A 19 9.86 -6.04 13.23
N THR A 20 11.02 -6.53 12.80
CA THR A 20 11.82 -7.39 13.65
C THR A 20 12.12 -6.70 14.98
N THR A 21 12.48 -5.43 14.88
CA THR A 21 12.80 -4.64 16.07
C THR A 21 11.87 -3.43 16.15
N GLY A 22 11.59 -2.86 15.00
CA GLY A 22 10.73 -1.69 14.93
C GLY A 22 11.12 -0.79 13.75
N ASP A 23 11.28 -1.41 12.60
CA ASP A 23 11.65 -0.68 11.40
C ASP A 23 10.49 -0.71 10.41
N VAL A 24 9.71 -1.78 10.49
CA VAL A 24 8.56 -1.94 9.62
C VAL A 24 7.41 -1.07 10.12
N THR A 25 6.60 -0.61 9.17
CA THR A 25 5.47 0.24 9.50
C THR A 25 4.33 -0.01 8.52
N GLN A 26 3.39 -0.85 8.96
CA GLN A 26 2.24 -1.18 8.12
C GLN A 26 1.19 -0.08 8.23
N VAL A 27 0.59 0.22 7.10
CA VAL A 27 -0.44 1.26 7.05
C VAL A 27 -1.44 0.92 5.93
N LYS A 28 -2.63 1.48 6.06
CA LYS A 28 -3.67 1.25 5.08
C LYS A 28 -3.72 2.42 4.10
N VAL A 29 -3.73 2.10 2.82
CA VAL A 29 -3.78 3.12 1.79
C VAL A 29 -4.88 2.78 0.79
N ARG A 30 -5.66 3.80 0.45
CA ARG A 30 -6.75 3.62 -0.49
C ARG A 30 -6.33 4.11 -1.88
N ILE A 31 -6.86 3.42 -2.89
CA ILE A 31 -6.55 3.78 -4.26
C ILE A 31 -7.18 5.14 -4.59
N LEU A 32 -6.32 6.08 -4.96
CA LEU A 32 -6.79 7.41 -5.31
C LEU A 32 -7.45 7.38 -6.68
N GLU A 33 -6.89 6.56 -7.56
CA GLU A 33 -7.41 6.42 -8.90
C GLU A 33 -6.96 5.10 -9.53
N GLY A 34 -7.57 4.78 -10.65
CA GLY A 34 -7.25 3.54 -11.36
C GLY A 34 -8.47 2.64 -11.47
N ARG A 35 -9.49 3.15 -12.13
CA ARG A 35 -10.72 2.40 -12.33
C ARG A 35 -11.45 2.24 -10.98
N ASP A 36 -10.90 1.37 -10.16
CA ASP A 36 -11.48 1.10 -8.85
C ASP A 36 -11.57 2.42 -8.06
N LYS A 37 -10.46 3.13 -8.04
CA LYS A 37 -10.40 4.40 -7.33
C LYS A 37 -11.31 4.34 -6.11
N GLY A 38 -10.73 3.88 -5.00
CA GLY A 38 -11.48 3.76 -3.76
C GLY A 38 -11.35 2.36 -3.17
N ARG A 39 -10.13 1.84 -3.22
CA ARG A 39 -9.85 0.52 -2.70
C ARG A 39 -8.83 0.61 -1.55
N VAL A 40 -9.31 0.31 -0.35
CA VAL A 40 -8.46 0.35 0.82
C VAL A 40 -7.69 -0.97 0.93
N ILE A 41 -6.38 -0.84 1.08
CA ILE A 41 -5.53 -2.01 1.20
C ILE A 41 -4.52 -1.79 2.34
N ARG A 42 -3.82 -2.85 2.67
CA ARG A 42 -2.83 -2.79 3.73
C ARG A 42 -1.42 -2.91 3.16
N ARG A 43 -0.78 -1.77 3.01
CA ARG A 43 0.57 -1.72 2.47
C ARG A 43 1.60 -1.61 3.61
N ASN A 44 2.68 -2.34 3.46
CA ASN A 44 3.74 -2.32 4.45
C ASN A 44 4.88 -1.41 3.98
N VAL A 45 5.12 -0.37 4.75
CA VAL A 45 6.18 0.58 4.43
C VAL A 45 7.09 0.75 5.63
N ARG A 46 8.36 1.04 5.35
CA ARG A 46 9.34 1.24 6.39
C ARG A 46 9.42 2.71 6.79
N GLY A 47 9.34 2.94 8.09
CA GLY A 47 9.40 4.30 8.61
C GLY A 47 8.02 4.78 9.06
N PRO A 48 7.99 6.01 9.63
CA PRO A 48 6.74 6.58 10.10
C PRO A 48 5.88 7.07 8.94
N VAL A 49 4.57 6.94 9.12
CA VAL A 49 3.63 7.35 8.10
C VAL A 49 2.70 8.43 8.66
N ARG A 50 2.06 9.16 7.76
CA ARG A 50 1.15 10.21 8.16
C ARG A 50 -0.01 10.30 7.16
N VAL A 51 -1.22 10.30 7.71
CA VAL A 51 -2.42 10.39 6.89
C VAL A 51 -2.20 11.40 5.78
N GLY A 52 -2.47 10.96 4.56
CA GLY A 52 -2.31 11.82 3.39
C GLY A 52 -1.15 11.33 2.52
N ASP A 53 -0.32 10.49 3.10
CA ASP A 53 0.82 9.94 2.39
C ASP A 53 0.34 9.28 1.10
N ILE A 54 0.97 9.69 0.00
CA ILE A 54 0.62 9.13 -1.30
C ILE A 54 1.80 8.35 -1.86
N LEU A 55 1.50 7.14 -2.31
CA LEU A 55 2.54 6.27 -2.87
C LEU A 55 2.01 5.64 -4.16
N ILE A 56 2.79 5.83 -5.22
CA ILE A 56 2.42 5.30 -6.52
C ILE A 56 2.65 3.79 -6.53
N LEU A 57 1.70 3.07 -7.08
CA LEU A 57 1.79 1.62 -7.15
C LEU A 57 1.86 1.19 -8.62
N ARG A 58 2.46 0.03 -8.83
CA ARG A 58 2.60 -0.50 -10.18
C ARG A 58 1.28 -1.13 -10.65
N GLU A 59 0.46 -1.51 -9.68
CA GLU A 59 -0.82 -2.11 -9.97
C GLU A 59 -1.31 -2.93 -8.78
N THR A 60 -0.36 -3.34 -7.95
CA THR A 60 -0.69 -4.12 -6.77
C THR A 60 -1.57 -5.31 -7.14
N GLU A 61 -1.28 -5.88 -8.30
CA GLU A 61 -2.04 -7.02 -8.78
C GLU A 61 -2.39 -7.96 -7.63
N ARG A 62 -1.35 -8.37 -6.90
CA ARG A 62 -1.53 -9.26 -5.78
C ARG A 62 -1.62 -10.71 -6.26
N GLU A 63 -2.69 -11.00 -6.98
CA GLU A 63 -2.90 -12.35 -7.50
C GLU A 63 -1.94 -12.62 -8.66
N ALA A 64 -2.00 -13.85 -9.17
CA ALA A 64 -1.16 -14.24 -10.28
C ALA A 64 -1.15 -13.14 -11.33
N ARG A 65 0.05 -12.65 -11.63
CA ARG A 65 0.19 -11.60 -12.62
C ARG A 65 -0.59 -11.94 -13.89
N GLU A 66 -0.46 -13.19 -14.31
CA GLU A 66 -1.14 -13.65 -15.50
C GLU A 66 -1.38 -15.17 -15.42
N ILE A 67 -0.29 -15.91 -15.37
CA ILE A 67 -0.35 -17.35 -15.29
C ILE A 67 -1.22 -17.88 -16.43
N LYS A 68 -1.26 -19.19 -16.55
CA LYS A 68 -2.05 -19.83 -17.59
C LYS A 68 -2.08 -21.34 -17.35
N SER A 69 -2.41 -21.70 -16.12
CA SER A 69 -2.48 -23.10 -15.74
C SER A 69 -3.72 -23.75 -16.36
N ARG A 70 -3.60 -24.07 -17.63
CA ARG A 70 -4.71 -24.69 -18.35
C ARG A 70 -4.39 -26.16 -18.63
N ARG A 71 -5.42 -26.98 -18.52
CA ARG A 71 -5.27 -28.41 -18.77
C ARG A 71 -5.74 -28.76 -20.17
N MET A 1 1.56 15.87 -21.78
CA MET A 1 0.64 14.87 -21.28
C MET A 1 1.29 13.49 -21.24
N ALA A 2 2.50 13.45 -20.72
CA ALA A 2 3.24 12.20 -20.62
C ALA A 2 2.51 11.26 -19.66
N GLU A 3 2.57 11.61 -18.38
CA GLU A 3 1.91 10.81 -17.36
C GLU A 3 2.74 9.55 -17.06
N ASP A 4 3.08 9.40 -15.79
CA ASP A 4 3.87 8.26 -15.36
C ASP A 4 3.43 7.85 -13.94
N GLU A 5 2.26 8.32 -13.56
CA GLU A 5 1.71 8.01 -12.25
C GLU A 5 0.73 6.84 -12.34
N GLY A 6 1.24 5.66 -12.00
CA GLY A 6 0.43 4.46 -12.03
C GLY A 6 -0.80 4.60 -11.11
N TYR A 7 -0.83 3.75 -10.11
CA TYR A 7 -1.94 3.77 -9.16
C TYR A 7 -1.46 4.26 -7.78
N PRO A 8 -1.68 5.57 -7.53
CA PRO A 8 -1.29 6.18 -6.27
C PRO A 8 -2.25 5.78 -5.15
N ALA A 9 -1.68 5.58 -3.97
CA ALA A 9 -2.47 5.19 -2.81
C ALA A 9 -2.16 6.13 -1.65
N GLU A 10 -3.22 6.60 -1.01
CA GLU A 10 -3.08 7.51 0.11
C GLU A 10 -3.50 6.82 1.42
N VAL A 11 -2.65 6.93 2.42
CA VAL A 11 -2.91 6.32 3.72
C VAL A 11 -4.31 6.75 4.19
N ILE A 12 -5.08 5.76 4.60
CA ILE A 12 -6.43 6.01 5.08
C ILE A 12 -6.50 5.73 6.58
N GLU A 13 -5.68 4.79 7.02
CA GLU A 13 -5.63 4.43 8.42
C GLU A 13 -4.34 3.64 8.72
N ILE A 14 -3.81 3.90 9.91
CA ILE A 14 -2.59 3.23 10.33
C ILE A 14 -2.94 1.92 11.03
N ILE A 15 -2.28 0.86 10.61
CA ILE A 15 -2.52 -0.45 11.20
C ILE A 15 -1.66 -0.60 12.45
N GLY A 16 -0.41 -0.95 12.24
CA GLY A 16 0.52 -1.12 13.36
C GLY A 16 1.83 -1.75 12.87
N ARG A 17 2.92 -1.26 13.45
CA ARG A 17 4.24 -1.75 13.10
C ARG A 17 4.48 -3.13 13.72
N THR A 18 5.33 -3.91 13.06
CA THR A 18 5.65 -5.23 13.55
C THR A 18 7.16 -5.40 13.68
N GLY A 19 7.83 -4.28 13.92
CA GLY A 19 9.27 -4.29 14.07
C GLY A 19 9.67 -4.13 15.53
N THR A 20 10.97 -4.21 15.78
CA THR A 20 11.49 -4.08 17.12
C THR A 20 11.30 -2.65 17.64
N THR A 21 11.91 -1.71 16.93
CA THR A 21 11.81 -0.31 17.31
C THR A 21 10.81 0.41 16.39
N GLY A 22 10.67 -0.13 15.19
CA GLY A 22 9.76 0.45 14.22
C GLY A 22 10.41 0.55 12.84
N ASP A 23 10.81 -0.61 12.33
CA ASP A 23 11.45 -0.67 11.03
C ASP A 23 10.41 -1.03 9.97
N VAL A 24 9.48 -1.91 10.36
CA VAL A 24 8.43 -2.33 9.46
C VAL A 24 7.09 -1.80 9.97
N THR A 25 6.60 -0.79 9.27
CA THR A 25 5.32 -0.17 9.64
C THR A 25 4.31 -0.35 8.51
N GLN A 26 3.37 -1.25 8.73
CA GLN A 26 2.33 -1.53 7.75
C GLN A 26 1.11 -0.63 8.01
N VAL A 27 0.50 -0.20 6.91
CA VAL A 27 -0.67 0.66 7.00
C VAL A 27 -1.59 0.39 5.81
N LYS A 28 -2.79 0.93 5.89
CA LYS A 28 -3.77 0.76 4.83
C LYS A 28 -3.82 2.02 3.97
N VAL A 29 -3.81 1.81 2.65
CA VAL A 29 -3.85 2.92 1.72
C VAL A 29 -4.99 2.70 0.72
N ARG A 30 -5.61 3.79 0.33
CA ARG A 30 -6.72 3.72 -0.62
C ARG A 30 -6.30 4.34 -1.96
N ILE A 31 -6.88 3.82 -3.03
CA ILE A 31 -6.57 4.30 -4.36
C ILE A 31 -7.20 5.68 -4.54
N LEU A 32 -6.36 6.64 -4.91
CA LEU A 32 -6.81 8.00 -5.13
C LEU A 32 -7.50 8.10 -6.49
N GLU A 33 -7.06 7.24 -7.40
CA GLU A 33 -7.62 7.22 -8.73
C GLU A 33 -7.14 5.98 -9.49
N GLY A 34 -7.77 5.74 -10.63
CA GLY A 34 -7.42 4.59 -11.46
C GLY A 34 -8.66 4.00 -12.13
N ARG A 35 -9.08 2.84 -11.63
CA ARG A 35 -10.25 2.17 -12.18
C ARG A 35 -11.31 2.00 -11.09
N ASP A 36 -10.84 1.82 -9.87
CA ASP A 36 -11.74 1.65 -8.73
C ASP A 36 -11.75 2.92 -7.88
N LYS A 37 -10.60 3.58 -7.88
CA LYS A 37 -10.45 4.81 -7.11
C LYS A 37 -11.32 4.73 -5.85
N GLY A 38 -10.72 4.18 -4.80
CA GLY A 38 -11.42 4.05 -3.53
C GLY A 38 -11.08 2.71 -2.87
N ARG A 39 -10.45 1.83 -3.65
CA ARG A 39 -10.06 0.52 -3.14
C ARG A 39 -9.07 0.67 -1.99
N VAL A 40 -9.39 0.00 -0.89
CA VAL A 40 -8.53 0.05 0.29
C VAL A 40 -7.68 -1.22 0.35
N ILE A 41 -6.41 -1.03 0.63
CA ILE A 41 -5.49 -2.14 0.72
C ILE A 41 -4.55 -1.93 1.92
N ARG A 42 -3.70 -2.93 2.15
CA ARG A 42 -2.76 -2.87 3.24
C ARG A 42 -1.36 -3.28 2.78
N ARG A 43 -0.45 -2.32 2.83
CA ARG A 43 0.92 -2.56 2.41
C ARG A 43 1.89 -2.19 3.53
N ASN A 44 3.15 -2.54 3.32
CA ASN A 44 4.18 -2.26 4.31
C ASN A 44 4.96 -1.01 3.87
N VAL A 45 5.31 -0.21 4.86
CA VAL A 45 6.05 1.02 4.59
C VAL A 45 7.08 1.23 5.71
N ARG A 46 8.08 2.05 5.40
CA ARG A 46 9.12 2.35 6.35
C ARG A 46 8.79 3.61 7.15
N GLY A 47 9.13 3.58 8.42
CA GLY A 47 8.87 4.72 9.30
C GLY A 47 7.57 4.52 10.08
N PRO A 48 7.25 5.53 10.93
CA PRO A 48 6.05 5.48 11.74
C PRO A 48 4.80 5.75 10.89
N VAL A 49 5.04 5.93 9.60
CA VAL A 49 3.95 6.20 8.67
C VAL A 49 3.23 7.49 9.09
N ARG A 50 2.69 8.17 8.09
CA ARG A 50 1.99 9.42 8.34
C ARG A 50 0.80 9.55 7.39
N VAL A 51 -0.37 9.82 7.97
CA VAL A 51 -1.58 9.96 7.19
C VAL A 51 -1.33 10.93 6.04
N GLY A 52 -2.00 10.67 4.93
CA GLY A 52 -1.84 11.50 3.75
C GLY A 52 -0.73 10.99 2.85
N ASP A 53 0.15 10.19 3.44
CA ASP A 53 1.27 9.63 2.70
C ASP A 53 0.76 9.00 1.40
N ILE A 54 1.46 9.31 0.32
CA ILE A 54 1.09 8.79 -0.99
C ILE A 54 2.16 7.79 -1.45
N LEU A 55 1.68 6.72 -2.08
CA LEU A 55 2.58 5.70 -2.58
C LEU A 55 1.91 4.96 -3.74
N ILE A 56 2.57 4.98 -4.88
CA ILE A 56 2.06 4.31 -6.07
C ILE A 56 2.57 2.88 -6.11
N LEU A 57 1.71 1.99 -6.60
CA LEU A 57 2.06 0.58 -6.70
C LEU A 57 1.91 0.12 -8.15
N ARG A 58 2.94 -0.54 -8.64
CA ARG A 58 2.93 -1.03 -10.01
C ARG A 58 1.72 -1.96 -10.22
N GLU A 59 1.63 -2.97 -9.38
CA GLU A 59 0.54 -3.93 -9.47
C GLU A 59 0.25 -4.53 -8.09
N THR A 60 1.16 -5.38 -7.66
CA THR A 60 1.02 -6.03 -6.36
C THR A 60 2.40 -6.38 -5.79
N GLU A 61 3.23 -6.97 -6.63
CA GLU A 61 4.56 -7.35 -6.21
C GLU A 61 4.51 -8.56 -5.28
N ARG A 62 3.87 -8.34 -4.13
CA ARG A 62 3.73 -9.39 -3.14
C ARG A 62 3.39 -10.71 -3.81
N GLU A 63 4.37 -11.60 -3.86
CA GLU A 63 4.17 -12.90 -4.47
C GLU A 63 4.69 -14.01 -3.55
N ALA A 64 4.46 -15.25 -3.98
CA ALA A 64 4.90 -16.39 -3.20
C ALA A 64 5.67 -17.35 -4.11
N ARG A 65 6.27 -18.35 -3.48
CA ARG A 65 7.04 -19.34 -4.22
C ARG A 65 6.17 -20.55 -4.58
N GLU A 66 4.92 -20.48 -4.13
CA GLU A 66 3.98 -21.55 -4.39
C GLU A 66 4.30 -22.77 -3.53
N ILE A 67 4.23 -22.57 -2.22
CA ILE A 67 4.52 -23.65 -1.28
C ILE A 67 3.23 -24.42 -0.99
N LYS A 68 3.14 -24.93 0.22
CA LYS A 68 1.98 -25.70 0.64
C LYS A 68 2.17 -26.17 2.08
N SER A 69 3.41 -26.54 2.40
CA SER A 69 3.73 -27.00 3.72
C SER A 69 3.02 -28.33 4.01
N ARG A 70 3.49 -29.02 5.03
CA ARG A 70 2.91 -30.29 5.41
C ARG A 70 3.17 -31.34 4.32
N ARG A 71 2.90 -32.59 4.66
CA ARG A 71 3.09 -33.68 3.72
C ARG A 71 1.90 -34.65 3.78
N MET A 1 4.47 12.94 -5.23
CA MET A 1 4.57 14.38 -5.36
C MET A 1 4.33 14.83 -6.80
N ALA A 2 3.58 14.00 -7.53
CA ALA A 2 3.28 14.30 -8.92
C ALA A 2 2.18 13.35 -9.40
N GLU A 3 2.12 13.19 -10.72
CA GLU A 3 1.13 12.32 -11.32
C GLU A 3 1.60 11.86 -12.71
N ASP A 4 1.40 10.58 -12.98
CA ASP A 4 1.79 10.01 -14.25
C ASP A 4 0.72 9.02 -14.71
N GLU A 5 -0.43 9.11 -14.08
CA GLU A 5 -1.54 8.23 -14.41
C GLU A 5 -1.26 6.81 -13.90
N GLY A 6 -0.22 6.70 -13.09
CA GLY A 6 0.16 5.42 -12.54
C GLY A 6 -0.90 4.90 -11.56
N TYR A 7 -0.42 4.43 -10.42
CA TYR A 7 -1.31 3.91 -9.39
C TYR A 7 -0.95 4.45 -8.01
N PRO A 8 -1.40 5.71 -7.74
CA PRO A 8 -1.12 6.35 -6.47
C PRO A 8 -1.98 5.76 -5.36
N ALA A 9 -1.52 5.95 -4.12
CA ALA A 9 -2.23 5.44 -2.97
C ALA A 9 -2.02 6.39 -1.79
N GLU A 10 -3.13 6.74 -1.14
CA GLU A 10 -3.08 7.63 -0.01
C GLU A 10 -3.41 6.88 1.29
N VAL A 11 -2.66 7.18 2.33
CA VAL A 11 -2.86 6.53 3.61
C VAL A 11 -4.20 6.97 4.19
N ILE A 12 -5.01 5.97 4.55
CA ILE A 12 -6.32 6.24 5.12
C ILE A 12 -6.24 6.17 6.64
N GLU A 13 -5.47 5.20 7.11
CA GLU A 13 -5.30 5.00 8.54
C GLU A 13 -4.07 4.14 8.81
N ILE A 14 -3.39 4.48 9.89
CA ILE A 14 -2.19 3.74 10.28
C ILE A 14 -2.60 2.44 10.98
N ILE A 15 -1.82 1.40 10.73
CA ILE A 15 -2.09 0.10 11.32
C ILE A 15 -1.20 -0.09 12.54
N GLY A 16 0.08 -0.33 12.29
CA GLY A 16 1.04 -0.54 13.36
C GLY A 16 2.36 -1.07 12.82
N ARG A 17 3.39 -0.99 13.66
CA ARG A 17 4.71 -1.46 13.27
C ARG A 17 4.72 -2.99 13.20
N THR A 18 5.67 -3.49 12.42
CA THR A 18 5.79 -4.93 12.24
C THR A 18 7.23 -5.28 11.85
N GLY A 19 8.16 -4.89 12.71
CA GLY A 19 9.57 -5.16 12.46
C GLY A 19 10.37 -5.13 13.76
N THR A 20 9.71 -5.56 14.84
CA THR A 20 10.35 -5.59 16.14
C THR A 20 10.68 -4.17 16.61
N THR A 21 11.79 -3.65 16.10
CA THR A 21 12.22 -2.31 16.44
C THR A 21 11.48 -1.28 15.59
N GLY A 22 11.30 -1.62 14.33
CA GLY A 22 10.62 -0.73 13.41
C GLY A 22 11.16 -0.89 11.99
N ASP A 23 11.33 -2.14 11.60
CA ASP A 23 11.84 -2.44 10.27
C ASP A 23 10.72 -2.28 9.24
N VAL A 24 9.53 -2.69 9.66
CA VAL A 24 8.37 -2.59 8.78
C VAL A 24 7.22 -1.93 9.55
N THR A 25 6.34 -1.29 8.79
CA THR A 25 5.19 -0.62 9.38
C THR A 25 3.97 -0.73 8.46
N GLN A 26 2.96 -1.41 8.97
CA GLN A 26 1.73 -1.60 8.21
C GLN A 26 0.85 -0.35 8.30
N VAL A 27 0.15 -0.08 7.21
CA VAL A 27 -0.73 1.08 7.15
C VAL A 27 -1.76 0.87 6.05
N LYS A 28 -2.98 1.31 6.32
CA LYS A 28 -4.06 1.19 5.36
C LYS A 28 -4.03 2.39 4.41
N VAL A 29 -4.25 2.10 3.14
CA VAL A 29 -4.25 3.14 2.13
C VAL A 29 -5.41 2.89 1.15
N ARG A 30 -5.76 3.96 0.43
CA ARG A 30 -6.84 3.86 -0.55
C ARG A 30 -6.36 4.33 -1.92
N ILE A 31 -6.93 3.72 -2.95
CA ILE A 31 -6.57 4.07 -4.31
C ILE A 31 -7.12 5.45 -4.65
N LEU A 32 -6.23 6.32 -5.08
CA LEU A 32 -6.61 7.68 -5.45
C LEU A 32 -7.42 7.65 -6.74
N GLU A 33 -7.00 6.79 -7.65
CA GLU A 33 -7.67 6.65 -8.93
C GLU A 33 -7.13 5.44 -9.69
N GLY A 34 -7.83 5.08 -10.75
CA GLY A 34 -7.44 3.95 -11.57
C GLY A 34 -8.67 3.13 -12.00
N ARG A 35 -8.52 1.82 -11.90
CA ARG A 35 -9.60 0.92 -12.27
C ARG A 35 -10.61 0.81 -11.13
N ASP A 36 -10.09 0.65 -9.93
CA ASP A 36 -10.94 0.52 -8.76
C ASP A 36 -11.26 1.92 -8.22
N LYS A 37 -10.24 2.76 -8.18
CA LYS A 37 -10.39 4.11 -7.70
C LYS A 37 -11.39 4.12 -6.53
N GLY A 38 -10.85 3.93 -5.34
CA GLY A 38 -11.67 3.90 -4.15
C GLY A 38 -11.59 2.55 -3.44
N ARG A 39 -10.41 1.96 -3.51
CA ARG A 39 -10.18 0.66 -2.89
C ARG A 39 -9.22 0.79 -1.73
N VAL A 40 -9.61 0.23 -0.60
CA VAL A 40 -8.78 0.27 0.59
C VAL A 40 -8.01 -1.04 0.73
N ILE A 41 -6.74 -0.92 1.09
CA ILE A 41 -5.89 -2.09 1.25
C ILE A 41 -4.91 -1.84 2.40
N ARG A 42 -4.12 -2.86 2.69
CA ARG A 42 -3.14 -2.77 3.76
C ARG A 42 -1.72 -2.86 3.19
N ARG A 43 -1.09 -1.70 3.05
CA ARG A 43 0.25 -1.62 2.52
C ARG A 43 1.26 -1.51 3.67
N ASN A 44 2.33 -2.30 3.56
CA ASN A 44 3.37 -2.30 4.57
C ASN A 44 4.63 -1.64 4.00
N VAL A 45 5.01 -0.53 4.61
CA VAL A 45 6.19 0.19 4.17
C VAL A 45 7.26 0.14 5.27
N ARG A 46 8.47 0.54 4.89
CA ARG A 46 9.57 0.54 5.83
C ARG A 46 9.69 1.91 6.51
N GLY A 47 9.76 1.87 7.83
CA GLY A 47 9.88 3.09 8.62
C GLY A 47 8.50 3.56 9.09
N PRO A 48 8.52 4.71 9.82
CA PRO A 48 7.28 5.29 10.32
C PRO A 48 6.48 5.95 9.21
N VAL A 49 5.17 5.81 9.30
CA VAL A 49 4.29 6.40 8.30
C VAL A 49 3.44 7.50 8.96
N ARG A 50 2.66 8.18 8.14
CA ARG A 50 1.81 9.24 8.61
C ARG A 50 0.64 9.48 7.65
N VAL A 51 -0.52 9.77 8.22
CA VAL A 51 -1.71 10.02 7.43
C VAL A 51 -1.37 11.04 6.32
N GLY A 52 -2.00 10.84 5.17
CA GLY A 52 -1.79 11.72 4.05
C GLY A 52 -0.69 11.18 3.13
N ASP A 53 0.23 10.43 3.73
CA ASP A 53 1.33 9.85 2.97
C ASP A 53 0.79 9.25 1.67
N ILE A 54 1.35 9.71 0.58
CA ILE A 54 0.95 9.22 -0.74
C ILE A 54 2.15 8.59 -1.45
N LEU A 55 1.88 7.51 -2.15
CA LEU A 55 2.93 6.81 -2.87
C LEU A 55 2.31 6.03 -4.04
N ILE A 56 3.11 5.84 -5.07
CA ILE A 56 2.64 5.11 -6.24
C ILE A 56 3.37 3.77 -6.32
N LEU A 57 2.66 2.78 -6.85
CA LEU A 57 3.23 1.44 -7.00
C LEU A 57 3.11 1.00 -8.45
N ARG A 58 2.94 1.98 -9.33
CA ARG A 58 2.82 1.69 -10.75
C ARG A 58 1.48 1.00 -11.03
N GLU A 59 1.31 -0.16 -10.41
CA GLU A 59 0.10 -0.93 -10.59
C GLU A 59 -0.03 -1.99 -9.49
N THR A 60 -1.21 -2.58 -9.42
CA THR A 60 -1.47 -3.61 -8.42
C THR A 60 -0.39 -4.69 -8.47
N GLU A 61 0.14 -4.91 -9.66
CA GLU A 61 1.18 -5.90 -9.86
C GLU A 61 0.73 -7.25 -9.28
N ARG A 62 1.65 -8.21 -9.32
CA ARG A 62 1.36 -9.54 -8.81
C ARG A 62 0.21 -10.18 -9.61
N GLU A 63 -1.00 -9.92 -9.13
CA GLU A 63 -2.18 -10.46 -9.78
C GLU A 63 -2.69 -9.49 -10.85
N ALA A 64 -2.64 -9.96 -12.09
CA ALA A 64 -3.10 -9.14 -13.21
C ALA A 64 -3.57 -10.06 -14.34
N ARG A 65 -4.51 -10.92 -14.02
CA ARG A 65 -5.05 -11.84 -14.99
C ARG A 65 -5.93 -11.10 -16.01
N GLU A 66 -6.89 -10.37 -15.47
CA GLU A 66 -7.80 -9.61 -16.32
C GLU A 66 -8.95 -10.51 -16.80
N ILE A 67 -9.37 -11.40 -15.92
CA ILE A 67 -10.45 -12.31 -16.24
C ILE A 67 -10.35 -12.73 -17.71
N LYS A 68 -11.50 -12.99 -18.31
CA LYS A 68 -11.55 -13.38 -19.70
C LYS A 68 -13.01 -13.49 -20.15
N SER A 69 -13.83 -14.00 -19.25
CA SER A 69 -15.25 -14.17 -19.53
C SER A 69 -15.45 -15.09 -20.74
N ARG A 70 -16.69 -15.48 -20.96
CA ARG A 70 -17.02 -16.36 -22.07
C ARG A 70 -18.47 -16.16 -22.50
N ARG A 71 -18.67 -16.12 -23.80
CA ARG A 71 -20.01 -15.93 -24.34
C ARG A 71 -20.24 -16.88 -25.53
N MET A 1 6.11 16.31 -16.95
CA MET A 1 7.48 15.86 -17.11
C MET A 1 7.83 14.78 -16.09
N ALA A 2 6.93 13.81 -15.96
CA ALA A 2 7.14 12.72 -15.03
C ALA A 2 6.21 11.56 -15.40
N GLU A 3 6.09 10.62 -14.47
CA GLU A 3 5.24 9.46 -14.68
C GLU A 3 4.22 9.33 -13.56
N ASP A 4 2.99 9.06 -13.95
CA ASP A 4 1.91 8.91 -12.99
C ASP A 4 0.86 7.94 -13.54
N GLU A 5 1.30 7.14 -14.51
CA GLU A 5 0.41 6.17 -15.13
C GLU A 5 0.39 4.88 -14.31
N GLY A 6 1.00 4.95 -13.14
CA GLY A 6 1.06 3.79 -12.25
C GLY A 6 -0.22 3.68 -11.42
N TYR A 7 -0.03 3.35 -10.15
CA TYR A 7 -1.15 3.21 -9.24
C TYR A 7 -0.85 3.85 -7.88
N PRO A 8 -1.14 5.18 -7.79
CA PRO A 8 -0.89 5.92 -6.56
C PRO A 8 -1.94 5.58 -5.51
N ALA A 9 -1.53 5.73 -4.25
CA ALA A 9 -2.42 5.44 -3.14
C ALA A 9 -2.15 6.43 -2.00
N GLU A 10 -3.21 6.75 -1.26
CA GLU A 10 -3.09 7.67 -0.16
C GLU A 10 -3.41 6.96 1.16
N VAL A 11 -2.68 7.35 2.20
CA VAL A 11 -2.87 6.76 3.51
C VAL A 11 -4.24 7.19 4.07
N ILE A 12 -5.03 6.20 4.42
CA ILE A 12 -6.35 6.45 4.97
C ILE A 12 -6.31 6.35 6.49
N GLU A 13 -5.57 5.35 6.96
CA GLU A 13 -5.44 5.12 8.38
C GLU A 13 -4.23 4.22 8.67
N ILE A 14 -3.56 4.52 9.77
CA ILE A 14 -2.39 3.76 10.16
C ILE A 14 -2.80 2.71 11.20
N ILE A 15 -2.28 1.51 11.03
CA ILE A 15 -2.58 0.41 11.94
C ILE A 15 -1.73 0.56 13.21
N GLY A 16 -0.42 0.41 13.01
CA GLY A 16 0.51 0.52 14.13
C GLY A 16 1.82 -0.22 13.82
N ARG A 17 2.92 0.43 14.18
CA ARG A 17 4.23 -0.15 13.94
C ARG A 17 4.43 -1.38 14.83
N THR A 18 5.30 -2.26 14.37
CA THR A 18 5.59 -3.48 15.11
C THR A 18 7.05 -3.88 14.92
N GLY A 19 7.79 -3.85 16.02
CA GLY A 19 9.21 -4.21 15.99
C GLY A 19 9.39 -5.71 16.21
N THR A 20 8.96 -6.48 15.21
CA THR A 20 9.07 -7.92 15.28
C THR A 20 10.06 -8.43 14.23
N THR A 21 10.13 -7.69 13.13
CA THR A 21 11.03 -8.05 12.05
C THR A 21 12.08 -6.96 11.84
N GLY A 22 11.63 -5.72 11.90
CA GLY A 22 12.52 -4.59 11.72
C GLY A 22 11.75 -3.27 11.79
N ASP A 23 11.08 -3.07 12.92
CA ASP A 23 10.30 -1.86 13.12
C ASP A 23 9.45 -1.60 11.88
N VAL A 24 8.67 -2.60 11.52
CA VAL A 24 7.79 -2.50 10.36
C VAL A 24 6.57 -1.66 10.72
N THR A 25 6.09 -0.90 9.74
CA THR A 25 4.94 -0.05 9.94
C THR A 25 3.87 -0.36 8.89
N GLN A 26 2.85 -1.09 9.32
CA GLN A 26 1.76 -1.46 8.43
C GLN A 26 0.68 -0.37 8.45
N VAL A 27 0.44 0.18 7.27
CA VAL A 27 -0.57 1.23 7.12
C VAL A 27 -1.48 0.89 5.95
N LYS A 28 -2.70 1.39 6.03
CA LYS A 28 -3.68 1.15 4.99
C LYS A 28 -3.78 2.39 4.09
N VAL A 29 -3.76 2.14 2.79
CA VAL A 29 -3.84 3.22 1.82
C VAL A 29 -4.87 2.86 0.74
N ARG A 30 -5.49 3.89 0.20
CA ARG A 30 -6.49 3.70 -0.83
C ARG A 30 -5.98 4.23 -2.18
N ILE A 31 -6.46 3.61 -3.24
CA ILE A 31 -6.06 4.00 -4.59
C ILE A 31 -6.64 5.39 -4.90
N LEU A 32 -5.75 6.30 -5.26
CA LEU A 32 -6.16 7.65 -5.59
C LEU A 32 -6.99 7.63 -6.88
N GLU A 33 -6.52 6.84 -7.83
CA GLU A 33 -7.21 6.73 -9.10
C GLU A 33 -6.73 5.48 -9.86
N GLY A 34 -7.45 5.15 -10.92
CA GLY A 34 -7.12 3.99 -11.72
C GLY A 34 -8.37 3.32 -12.28
N ARG A 35 -8.68 2.16 -11.74
CA ARG A 35 -9.84 1.41 -12.17
C ARG A 35 -10.86 1.29 -11.03
N ASP A 36 -10.33 1.25 -9.81
CA ASP A 36 -11.18 1.14 -8.63
C ASP A 36 -11.26 2.50 -7.95
N LYS A 37 -10.18 3.26 -8.07
CA LYS A 37 -10.12 4.58 -7.46
C LYS A 37 -10.80 4.55 -6.10
N GLY A 38 -10.00 4.24 -5.09
CA GLY A 38 -10.51 4.16 -3.73
C GLY A 38 -10.19 2.82 -3.09
N ARG A 39 -9.73 1.90 -3.93
CA ARG A 39 -9.38 0.56 -3.46
C ARG A 39 -8.47 0.65 -2.23
N VAL A 40 -9.02 0.26 -1.09
CA VAL A 40 -8.27 0.29 0.15
C VAL A 40 -7.40 -0.97 0.25
N ILE A 41 -6.19 -0.78 0.72
CA ILE A 41 -5.25 -1.88 0.87
C ILE A 41 -4.39 -1.65 2.11
N ARG A 42 -3.59 -2.66 2.43
CA ARG A 42 -2.70 -2.58 3.59
C ARG A 42 -1.25 -2.79 3.16
N ARG A 43 -0.54 -1.68 3.06
CA ARG A 43 0.86 -1.71 2.67
C ARG A 43 1.76 -1.61 3.90
N ASN A 44 2.84 -2.39 3.87
CA ASN A 44 3.78 -2.41 4.98
C ASN A 44 5.06 -1.67 4.55
N VAL A 45 5.29 -0.54 5.20
CA VAL A 45 6.47 0.26 4.91
C VAL A 45 7.32 0.39 6.17
N ARG A 46 8.44 1.08 6.02
CA ARG A 46 9.35 1.28 7.14
C ARG A 46 9.23 2.72 7.68
N GLY A 47 9.20 2.82 9.00
CA GLY A 47 9.10 4.12 9.64
C GLY A 47 7.63 4.54 9.76
N PRO A 48 7.42 5.64 10.55
CA PRO A 48 6.07 6.15 10.77
C PRO A 48 5.58 6.90 9.53
N VAL A 49 4.31 7.30 9.59
CA VAL A 49 3.70 8.02 8.49
C VAL A 49 2.66 8.99 9.03
N ARG A 50 1.84 9.49 8.12
CA ARG A 50 0.79 10.43 8.50
C ARG A 50 -0.31 10.45 7.43
N VAL A 51 -1.54 10.54 7.91
CA VAL A 51 -2.69 10.57 7.01
C VAL A 51 -2.45 11.63 5.93
N GLY A 52 -2.40 11.16 4.69
CA GLY A 52 -2.18 12.05 3.56
C GLY A 52 -1.07 11.52 2.65
N ASP A 53 -0.08 10.89 3.28
CA ASP A 53 1.04 10.35 2.54
C ASP A 53 0.53 9.68 1.27
N ILE A 54 1.39 9.69 0.25
CA ILE A 54 1.03 9.09 -1.02
C ILE A 54 2.21 8.24 -1.52
N LEU A 55 1.86 7.16 -2.21
CA LEU A 55 2.87 6.26 -2.74
C LEU A 55 2.26 5.46 -3.90
N ILE A 56 3.10 5.19 -4.89
CA ILE A 56 2.66 4.43 -6.05
C ILE A 56 3.25 3.02 -5.99
N LEU A 57 2.55 2.10 -6.63
CA LEU A 57 3.00 0.71 -6.66
C LEU A 57 2.70 0.12 -8.03
N ARG A 58 3.52 -0.85 -8.41
CA ARG A 58 3.35 -1.52 -9.69
C ARG A 58 3.18 -3.02 -9.49
N GLU A 59 4.25 -3.65 -9.02
CA GLU A 59 4.24 -5.08 -8.79
C GLU A 59 2.90 -5.50 -8.17
N THR A 60 2.49 -4.76 -7.16
CA THR A 60 1.24 -5.05 -6.47
C THR A 60 1.12 -6.55 -6.18
N GLU A 61 2.27 -7.13 -5.84
CA GLU A 61 2.29 -8.56 -5.52
C GLU A 61 1.17 -8.91 -4.56
N ARG A 62 0.98 -10.21 -4.38
CA ARG A 62 -0.06 -10.70 -3.49
C ARG A 62 0.42 -11.97 -2.76
N GLU A 63 0.13 -12.00 -1.47
CA GLU A 63 0.52 -13.14 -0.66
C GLU A 63 -0.19 -13.10 0.70
N ALA A 64 -1.18 -13.98 0.83
CA ALA A 64 -1.95 -14.05 2.06
C ALA A 64 -2.83 -15.30 2.04
N ARG A 65 -2.39 -16.32 2.75
CA ARG A 65 -3.12 -17.57 2.81
C ARG A 65 -4.45 -17.37 3.55
N GLU A 66 -4.35 -16.79 4.75
CA GLU A 66 -5.52 -16.54 5.56
C GLU A 66 -6.04 -17.85 6.16
N ILE A 67 -5.25 -18.40 7.08
CA ILE A 67 -5.62 -19.63 7.75
C ILE A 67 -6.33 -19.31 9.05
N LYS A 68 -7.02 -20.33 9.58
CA LYS A 68 -7.75 -20.16 10.82
C LYS A 68 -8.23 -21.54 11.31
N SER A 69 -7.38 -22.53 11.09
CA SER A 69 -7.71 -23.88 11.50
C SER A 69 -7.09 -24.18 12.87
N ARG A 70 -7.93 -24.10 13.90
CA ARG A 70 -7.50 -24.36 15.25
C ARG A 70 -8.68 -24.74 16.13
N ARG A 71 -8.37 -25.12 17.36
CA ARG A 71 -9.39 -25.52 18.31
C ARG A 71 -8.84 -25.52 19.74
N MET A 1 6.56 9.50 -22.73
CA MET A 1 5.52 10.36 -23.26
C MET A 1 4.21 10.20 -22.47
N ALA A 2 4.38 10.09 -21.16
CA ALA A 2 3.24 9.93 -20.27
C ALA A 2 3.51 10.67 -18.96
N GLU A 3 3.93 9.90 -17.97
CA GLU A 3 4.22 10.47 -16.66
C GLU A 3 4.96 9.43 -15.79
N ASP A 4 4.59 9.42 -14.52
CA ASP A 4 5.20 8.50 -13.57
C ASP A 4 4.21 8.19 -12.46
N GLU A 5 2.94 8.44 -12.75
CA GLU A 5 1.89 8.20 -11.77
C GLU A 5 1.01 7.03 -12.22
N GLY A 6 1.28 5.87 -11.66
CA GLY A 6 0.52 4.68 -11.99
C GLY A 6 -0.74 4.56 -11.11
N TYR A 7 -0.54 4.02 -9.92
CA TYR A 7 -1.64 3.85 -8.98
C TYR A 7 -1.28 4.42 -7.61
N PRO A 8 -1.66 5.71 -7.42
CA PRO A 8 -1.39 6.40 -6.17
C PRO A 8 -2.34 5.92 -5.06
N ALA A 9 -1.83 5.89 -3.85
CA ALA A 9 -2.61 5.46 -2.70
C ALA A 9 -2.44 6.47 -1.57
N GLU A 10 -3.57 6.99 -1.10
CA GLU A 10 -3.56 7.95 -0.02
C GLU A 10 -3.91 7.28 1.31
N VAL A 11 -3.04 7.48 2.28
CA VAL A 11 -3.23 6.89 3.59
C VAL A 11 -4.63 7.25 4.10
N ILE A 12 -5.33 6.22 4.57
CA ILE A 12 -6.68 6.41 5.09
C ILE A 12 -6.68 6.14 6.60
N GLU A 13 -5.86 5.18 6.99
CA GLU A 13 -5.77 4.81 8.39
C GLU A 13 -4.49 4.01 8.65
N ILE A 14 -3.89 4.25 9.81
CA ILE A 14 -2.67 3.56 10.18
C ILE A 14 -3.02 2.30 10.97
N ILE A 15 -2.17 1.29 10.81
CA ILE A 15 -2.39 0.03 11.50
C ILE A 15 -1.60 0.04 12.82
N GLY A 16 -0.28 -0.03 12.69
CA GLY A 16 0.58 -0.03 13.86
C GLY A 16 2.03 -0.32 13.47
N ARG A 17 2.82 -0.67 14.47
CA ARG A 17 4.23 -0.98 14.24
C ARG A 17 4.53 -2.42 14.69
N THR A 18 5.54 -2.99 14.04
CA THR A 18 5.93 -4.35 14.35
C THR A 18 7.45 -4.50 14.24
N GLY A 19 8.00 -5.33 15.12
CA GLY A 19 9.43 -5.58 15.13
C GLY A 19 9.74 -7.06 14.95
N THR A 20 9.13 -7.65 13.94
CA THR A 20 9.33 -9.06 13.65
C THR A 20 10.26 -9.22 12.45
N THR A 21 10.40 -8.15 11.69
CA THR A 21 11.26 -8.17 10.52
C THR A 21 12.37 -7.13 10.65
N GLY A 22 11.99 -5.96 11.16
CA GLY A 22 12.94 -4.87 11.34
C GLY A 22 12.20 -3.53 11.50
N ASP A 23 11.45 -3.43 12.58
CA ASP A 23 10.71 -2.22 12.87
C ASP A 23 9.91 -1.82 11.63
N VAL A 24 9.06 -2.74 11.19
CA VAL A 24 8.24 -2.49 10.02
C VAL A 24 7.06 -1.59 10.40
N THR A 25 6.63 -0.80 9.43
CA THR A 25 5.51 0.12 9.66
C THR A 25 4.38 -0.16 8.66
N GLN A 26 3.32 -0.75 9.17
CA GLN A 26 2.17 -1.07 8.34
C GLN A 26 1.18 0.09 8.32
N VAL A 27 0.74 0.44 7.13
CA VAL A 27 -0.20 1.54 6.96
C VAL A 27 -1.22 1.16 5.88
N LYS A 28 -2.43 1.68 6.04
CA LYS A 28 -3.50 1.42 5.09
C LYS A 28 -3.68 2.64 4.18
N VAL A 29 -3.65 2.38 2.88
CA VAL A 29 -3.81 3.44 1.90
C VAL A 29 -4.93 3.07 0.93
N ARG A 30 -5.66 4.08 0.50
CA ARG A 30 -6.76 3.88 -0.43
C ARG A 30 -6.36 4.35 -1.84
N ILE A 31 -6.91 3.67 -2.83
CA ILE A 31 -6.62 4.00 -4.22
C ILE A 31 -7.34 5.30 -4.58
N LEU A 32 -6.57 6.23 -5.12
CA LEU A 32 -7.12 7.52 -5.52
C LEU A 32 -7.84 7.37 -6.87
N GLU A 33 -7.28 6.50 -7.70
CA GLU A 33 -7.84 6.26 -9.02
C GLU A 33 -7.26 4.98 -9.62
N GLY A 34 -7.78 4.61 -10.78
CA GLY A 34 -7.33 3.41 -11.47
C GLY A 34 -8.41 2.33 -11.46
N ARG A 35 -9.48 2.61 -12.18
CA ARG A 35 -10.59 1.67 -12.28
C ARG A 35 -11.24 1.49 -10.91
N ASP A 36 -10.57 0.71 -10.07
CA ASP A 36 -11.07 0.45 -8.73
C ASP A 36 -11.42 1.77 -8.05
N LYS A 37 -10.43 2.64 -7.96
CA LYS A 37 -10.62 3.94 -7.34
C LYS A 37 -11.51 3.78 -6.11
N GLY A 38 -10.87 3.53 -4.98
CA GLY A 38 -11.59 3.36 -3.73
C GLY A 38 -11.28 2.00 -3.10
N ARG A 39 -10.02 1.61 -3.20
CA ARG A 39 -9.58 0.34 -2.65
C ARG A 39 -8.59 0.56 -1.50
N VAL A 40 -8.99 0.11 -0.33
CA VAL A 40 -8.16 0.26 0.85
C VAL A 40 -7.25 -0.97 0.99
N ILE A 41 -5.96 -0.73 0.88
CA ILE A 41 -4.98 -1.81 0.99
C ILE A 41 -4.09 -1.55 2.20
N ARG A 42 -3.39 -2.61 2.61
CA ARG A 42 -2.50 -2.51 3.75
C ARG A 42 -1.05 -2.82 3.32
N ARG A 43 -0.27 -1.75 3.20
CA ARG A 43 1.12 -1.90 2.80
C ARG A 43 2.03 -1.83 4.03
N ASN A 44 3.12 -2.58 3.96
CA ASN A 44 4.08 -2.63 5.06
C ASN A 44 5.41 -2.05 4.58
N VAL A 45 5.67 -0.82 5.01
CA VAL A 45 6.91 -0.14 4.64
C VAL A 45 7.66 0.26 5.91
N ARG A 46 8.93 0.58 5.72
CA ARG A 46 9.78 0.98 6.84
C ARG A 46 9.75 2.50 7.00
N GLY A 47 9.62 2.92 8.26
CA GLY A 47 9.58 4.34 8.57
C GLY A 47 8.15 4.79 8.85
N PRO A 48 8.04 5.91 9.61
CA PRO A 48 6.75 6.47 9.96
C PRO A 48 6.11 7.18 8.77
N VAL A 49 4.99 7.83 9.03
CA VAL A 49 4.28 8.56 7.98
C VAL A 49 3.23 9.46 8.63
N ARG A 50 2.33 9.97 7.78
CA ARG A 50 1.27 10.84 8.26
C ARG A 50 0.09 10.81 7.28
N VAL A 51 -1.10 10.72 7.86
CA VAL A 51 -2.31 10.68 7.06
C VAL A 51 -2.19 11.67 5.90
N GLY A 52 -2.73 11.28 4.76
CA GLY A 52 -2.68 12.12 3.58
C GLY A 52 -1.54 11.72 2.65
N ASP A 53 -0.54 11.08 3.25
CA ASP A 53 0.61 10.63 2.48
C ASP A 53 0.14 9.89 1.23
N ILE A 54 0.85 10.13 0.14
CA ILE A 54 0.52 9.50 -1.13
C ILE A 54 1.67 8.58 -1.55
N LEU A 55 1.31 7.33 -1.82
CA LEU A 55 2.29 6.34 -2.24
C LEU A 55 1.74 5.55 -3.42
N ILE A 56 2.49 5.58 -4.51
CA ILE A 56 2.09 4.88 -5.71
C ILE A 56 2.72 3.48 -5.71
N LEU A 57 1.98 2.53 -6.27
CA LEU A 57 2.45 1.16 -6.33
C LEU A 57 2.07 0.55 -7.69
N ARG A 58 3.06 -0.06 -8.33
CA ARG A 58 2.84 -0.68 -9.63
C ARG A 58 1.80 -1.78 -9.52
N GLU A 59 2.15 -2.81 -8.75
CA GLU A 59 1.25 -3.94 -8.56
C GLU A 59 1.17 -4.30 -7.08
N THR A 60 0.44 -5.38 -6.81
CA THR A 60 0.28 -5.85 -5.44
C THR A 60 1.59 -6.44 -4.92
N GLU A 61 2.35 -7.00 -5.84
CA GLU A 61 3.63 -7.61 -5.50
C GLU A 61 3.41 -8.82 -4.58
N ARG A 62 3.18 -8.53 -3.31
CA ARG A 62 2.95 -9.58 -2.34
C ARG A 62 4.29 -10.17 -1.87
N GLU A 63 4.65 -9.82 -0.64
CA GLU A 63 5.89 -10.29 -0.06
C GLU A 63 5.75 -11.76 0.36
N ALA A 64 6.83 -12.29 0.91
CA ALA A 64 6.84 -13.67 1.36
C ALA A 64 6.09 -13.78 2.69
N ARG A 65 4.88 -14.28 2.61
CA ARG A 65 4.05 -14.44 3.80
C ARG A 65 4.78 -15.29 4.84
N GLU A 66 5.22 -16.46 4.41
CA GLU A 66 5.93 -17.38 5.29
C GLU A 66 5.20 -17.50 6.62
N ILE A 67 3.88 -17.35 6.56
CA ILE A 67 3.05 -17.45 7.74
C ILE A 67 3.74 -16.71 8.89
N LYS A 68 3.30 -17.02 10.11
CA LYS A 68 3.85 -16.39 11.29
C LYS A 68 3.28 -17.07 12.54
N SER A 69 3.31 -18.39 12.52
CA SER A 69 2.80 -19.17 13.63
C SER A 69 3.83 -19.21 14.76
N ARG A 70 4.92 -19.91 14.49
CA ARG A 70 5.99 -20.04 15.46
C ARG A 70 5.51 -20.84 16.68
N ARG A 71 6.42 -21.66 17.21
CA ARG A 71 6.10 -22.48 18.36
C ARG A 71 7.11 -22.24 19.48
N MET A 1 -7.50 6.32 -19.15
CA MET A 1 -6.34 5.56 -18.74
C MET A 1 -5.04 6.32 -19.05
N ALA A 2 -4.90 7.48 -18.42
CA ALA A 2 -3.73 8.30 -18.63
C ALA A 2 -2.64 7.90 -17.62
N GLU A 3 -2.70 8.53 -16.46
CA GLU A 3 -1.73 8.24 -15.41
C GLU A 3 -1.35 6.76 -15.43
N ASP A 4 -0.09 6.51 -15.78
CA ASP A 4 0.41 5.15 -15.84
C ASP A 4 1.82 5.11 -15.28
N GLU A 5 2.19 6.18 -14.58
CA GLU A 5 3.51 6.28 -13.99
C GLU A 5 3.55 5.55 -12.64
N GLY A 6 2.48 4.82 -12.37
CA GLY A 6 2.37 4.07 -11.13
C GLY A 6 1.09 4.42 -10.39
N TYR A 7 0.51 3.40 -9.76
CA TYR A 7 -0.72 3.58 -9.01
C TYR A 7 -0.44 4.21 -7.64
N PRO A 8 -0.95 5.46 -7.47
CA PRO A 8 -0.77 6.18 -6.23
C PRO A 8 -1.68 5.62 -5.13
N ALA A 9 -1.52 6.16 -3.94
CA ALA A 9 -2.32 5.73 -2.80
C ALA A 9 -2.17 6.75 -1.66
N GLU A 10 -3.29 6.98 -0.99
CA GLU A 10 -3.31 7.93 0.12
C GLU A 10 -3.64 7.21 1.43
N VAL A 11 -2.78 7.43 2.41
CA VAL A 11 -2.98 6.80 3.71
C VAL A 11 -4.30 7.28 4.31
N ILE A 12 -5.08 6.32 4.77
CA ILE A 12 -6.38 6.61 5.37
C ILE A 12 -6.31 6.37 6.88
N GLU A 13 -5.54 5.35 7.24
CA GLU A 13 -5.38 5.00 8.64
C GLU A 13 -4.16 4.10 8.82
N ILE A 14 -3.48 4.31 9.95
CA ILE A 14 -2.29 3.53 10.27
C ILE A 14 -2.68 2.35 11.15
N ILE A 15 -2.44 1.15 10.64
CA ILE A 15 -2.75 -0.06 11.37
C ILE A 15 -1.92 -0.11 12.65
N GLY A 16 -0.61 -0.11 12.47
CA GLY A 16 0.31 -0.16 13.59
C GLY A 16 1.71 -0.60 13.15
N ARG A 17 2.60 -0.71 14.13
CA ARG A 17 3.96 -1.12 13.85
C ARG A 17 4.00 -2.61 13.50
N THR A 18 4.89 -2.95 12.58
CA THR A 18 5.04 -4.33 12.15
C THR A 18 6.51 -4.68 11.98
N GLY A 19 7.28 -4.43 13.03
CA GLY A 19 8.70 -4.71 13.01
C GLY A 19 9.01 -6.02 13.73
N THR A 20 8.16 -7.01 13.49
CA THR A 20 8.34 -8.31 14.11
C THR A 20 9.81 -8.71 14.12
N THR A 21 10.45 -8.53 12.97
CA THR A 21 11.86 -8.86 12.83
C THR A 21 12.69 -7.59 12.65
N GLY A 22 12.05 -6.57 12.08
CA GLY A 22 12.72 -5.30 11.85
C GLY A 22 11.93 -4.15 12.49
N ASP A 23 11.72 -3.11 11.69
CA ASP A 23 11.00 -1.94 12.16
C ASP A 23 10.08 -1.44 11.05
N VAL A 24 9.36 -2.39 10.44
CA VAL A 24 8.44 -2.05 9.36
C VAL A 24 7.20 -1.39 9.95
N THR A 25 6.51 -0.62 9.11
CA THR A 25 5.31 0.08 9.53
C THR A 25 4.18 -0.18 8.53
N GLN A 26 3.21 -0.96 8.98
CA GLN A 26 2.07 -1.28 8.15
C GLN A 26 0.98 -0.20 8.28
N VAL A 27 0.52 0.27 7.13
CA VAL A 27 -0.52 1.29 7.11
C VAL A 27 -1.47 1.02 5.95
N LYS A 28 -2.69 1.49 6.10
CA LYS A 28 -3.70 1.32 5.08
C LYS A 28 -3.72 2.54 4.16
N VAL A 29 -3.71 2.26 2.87
CA VAL A 29 -3.71 3.33 1.87
C VAL A 29 -4.80 3.04 0.83
N ARG A 30 -5.51 4.09 0.45
CA ARG A 30 -6.57 3.98 -0.52
C ARG A 30 -6.09 4.45 -1.89
N ILE A 31 -6.63 3.83 -2.92
CA ILE A 31 -6.27 4.19 -4.29
C ILE A 31 -6.83 5.56 -4.62
N LEU A 32 -5.95 6.46 -5.01
CA LEU A 32 -6.35 7.81 -5.36
C LEU A 32 -7.01 7.80 -6.74
N GLU A 33 -6.51 6.92 -7.59
CA GLU A 33 -7.05 6.80 -8.94
C GLU A 33 -6.50 5.54 -9.62
N GLY A 34 -6.97 5.33 -10.84
CA GLY A 34 -6.53 4.16 -11.60
C GLY A 34 -7.70 3.54 -12.36
N ARG A 35 -8.16 2.41 -11.85
CA ARG A 35 -9.27 1.70 -12.47
C ARG A 35 -10.43 1.56 -11.48
N ASP A 36 -10.07 1.41 -10.21
CA ASP A 36 -11.06 1.27 -9.16
C ASP A 36 -11.20 2.59 -8.41
N LYS A 37 -10.08 3.31 -8.33
CA LYS A 37 -10.06 4.59 -7.64
C LYS A 37 -11.03 4.54 -6.47
N GLY A 38 -10.51 4.11 -5.33
CA GLY A 38 -11.32 4.00 -4.12
C GLY A 38 -11.19 2.63 -3.49
N ARG A 39 -9.97 2.11 -3.50
CA ARG A 39 -9.71 0.80 -2.92
C ARG A 39 -8.75 0.93 -1.73
N VAL A 40 -9.25 0.52 -0.57
CA VAL A 40 -8.45 0.58 0.65
C VAL A 40 -7.64 -0.71 0.78
N ILE A 41 -6.33 -0.55 0.85
CA ILE A 41 -5.43 -1.68 0.97
C ILE A 41 -4.51 -1.46 2.17
N ARG A 42 -3.63 -2.43 2.39
CA ARG A 42 -2.69 -2.37 3.49
C ARG A 42 -1.26 -2.54 2.97
N ARG A 43 -0.55 -1.42 2.90
CA ARG A 43 0.82 -1.44 2.43
C ARG A 43 1.80 -1.41 3.62
N ASN A 44 2.89 -2.14 3.46
CA ASN A 44 3.90 -2.21 4.49
C ASN A 44 5.12 -1.40 4.08
N VAL A 45 5.38 -0.34 4.84
CA VAL A 45 6.51 0.53 4.55
C VAL A 45 7.26 0.82 5.85
N ARG A 46 8.57 0.98 5.71
CA ARG A 46 9.41 1.27 6.86
C ARG A 46 9.33 2.75 7.22
N GLY A 47 9.41 3.02 8.52
CA GLY A 47 9.35 4.38 9.01
C GLY A 47 7.93 4.74 9.46
N PRO A 48 7.81 5.93 10.11
CA PRO A 48 6.53 6.39 10.60
C PRO A 48 5.65 6.90 9.45
N VAL A 49 4.35 6.77 9.63
CA VAL A 49 3.41 7.20 8.62
C VAL A 49 2.39 8.15 9.26
N ARG A 50 1.66 8.85 8.40
CA ARG A 50 0.64 9.79 8.87
C ARG A 50 -0.41 10.01 7.78
N VAL A 51 -1.65 10.10 8.23
CA VAL A 51 -2.76 10.31 7.31
C VAL A 51 -2.38 11.41 6.31
N GLY A 52 -2.66 11.13 5.04
CA GLY A 52 -2.36 12.08 3.99
C GLY A 52 -1.19 11.60 3.14
N ASP A 53 -0.30 10.87 3.78
CA ASP A 53 0.88 10.33 3.10
C ASP A 53 0.48 9.86 1.71
N ILE A 54 1.25 10.28 0.72
CA ILE A 54 0.99 9.91 -0.65
C ILE A 54 2.15 9.05 -1.17
N LEU A 55 1.79 7.91 -1.74
CA LEU A 55 2.78 7.00 -2.27
C LEU A 55 2.24 6.33 -3.53
N ILE A 56 3.05 5.46 -4.11
CA ILE A 56 2.65 4.76 -5.32
C ILE A 56 3.17 3.32 -5.26
N LEU A 57 2.38 2.42 -5.81
CA LEU A 57 2.74 1.01 -5.83
C LEU A 57 2.92 0.54 -7.27
N ARG A 58 3.94 -0.27 -7.49
CA ARG A 58 4.22 -0.79 -8.81
C ARG A 58 3.18 -1.84 -9.20
N GLU A 59 3.29 -2.99 -8.56
CA GLU A 59 2.37 -4.08 -8.84
C GLU A 59 1.80 -4.63 -7.52
N THR A 60 0.71 -5.38 -7.66
CA THR A 60 0.06 -5.96 -6.49
C THR A 60 1.01 -6.95 -5.79
N GLU A 61 2.02 -7.36 -6.53
CA GLU A 61 2.99 -8.29 -6.00
C GLU A 61 3.39 -7.90 -4.58
N ARG A 62 3.49 -6.59 -4.37
CA ARG A 62 3.85 -6.06 -3.06
C ARG A 62 5.27 -6.52 -2.68
N GLU A 63 5.73 -6.01 -1.56
CA GLU A 63 7.06 -6.36 -1.07
C GLU A 63 8.04 -6.47 -2.24
N ALA A 64 8.40 -5.31 -2.77
CA ALA A 64 9.33 -5.25 -3.90
C ALA A 64 10.23 -4.02 -3.75
N ARG A 65 11.37 -4.09 -4.43
CA ARG A 65 12.32 -2.99 -4.37
C ARG A 65 13.10 -3.02 -3.06
N GLU A 66 12.76 -3.99 -2.23
CA GLU A 66 13.41 -4.13 -0.94
C GLU A 66 14.20 -5.45 -0.88
N ILE A 67 14.74 -5.82 -2.03
CA ILE A 67 15.51 -7.04 -2.13
C ILE A 67 16.39 -7.18 -0.88
N LYS A 68 16.89 -6.05 -0.42
CA LYS A 68 17.75 -6.03 0.75
C LYS A 68 18.22 -4.60 1.02
N SER A 69 18.43 -3.87 -0.07
CA SER A 69 18.86 -2.49 0.03
C SER A 69 20.36 -2.45 0.39
N ARG A 70 20.66 -2.97 1.57
CA ARG A 70 22.04 -3.00 2.04
C ARG A 70 22.19 -4.02 3.17
N ARG A 71 21.49 -3.77 4.26
CA ARG A 71 21.55 -4.65 5.41
C ARG A 71 20.15 -5.24 5.70
#